data_2A9F
#
_entry.id   2A9F
#
_cell.length_a   68.258
_cell.length_b   79.253
_cell.length_c   145.594
_cell.angle_alpha   90.00
_cell.angle_beta   90.00
_cell.angle_gamma   90.00
#
_symmetry.space_group_name_H-M   'P 21 21 21'
#
loop_
_entity.id
_entity.type
_entity.pdbx_description
1 polymer 'putative malic enzyme ((S)-malate:NAD+ oxidoreductase (decarboxylating))'
2 non-polymer 'MAGNESIUM ION'
3 water water
#
_entity_poly.entity_id   1
_entity_poly.type   'polypeptide(L)'
_entity_poly.pdbx_seq_one_letter_code
;MSLKNQLGQLALEQAKTFGGKLEVQPKVDIKTKHDLSIAYTPGVASVSSAIAKDKTLAYDLTTKKNTVAVISDGTAVLGL
GDIGPEAAMPVMEGKAALFKAFAGVDAIPIVLDTKDTEEIISIVKALAPTFGGINLEDISAPRCFEIEQRLIKECHIPVF
HDDQHGTAIVVLAAIFNSLKLLKKSLDEVSIVVNGGGSAGLSITRKLLAAGATKVTVVDKFGIINEQEAAQLAPHHLDIA
KVTNREFKSGTLEDALEGADIFIGVSAPGVLKAEWISKMAARPVIFAMANPIPEIYPDEALEAGAYIVGTGRSDFPNQIN
NVLAFPGIFRGALDARAKTITVEMQIAAAKGIASLVPDDALSTTNIIPDAFKEGVAEIVAKSVRSVVLKSEGHHHHHH
;
_entity_poly.pdbx_strand_id   A,B
#
loop_
_chem_comp.id
_chem_comp.type
_chem_comp.name
_chem_comp.formula
MG non-polymer 'MAGNESIUM ION' 'Mg 2'
#
# COMPACT_ATOMS: atom_id res chain seq x y z
N LEU A 3 5.20 31.98 -30.02
CA LEU A 3 3.90 32.29 -30.67
C LEU A 3 2.84 32.70 -29.64
N LYS A 4 2.68 31.85 -28.62
CA LYS A 4 1.71 32.04 -27.52
C LYS A 4 1.60 30.66 -26.87
N ASN A 5 2.71 30.23 -26.27
CA ASN A 5 2.81 28.92 -25.65
C ASN A 5 2.32 28.81 -24.21
N GLN A 6 2.00 27.58 -23.82
CA GLN A 6 1.49 27.29 -22.48
C GLN A 6 2.08 26.00 -21.90
N LEU A 7 1.72 24.89 -22.51
CA LEU A 7 2.17 23.58 -22.07
C LEU A 7 1.25 22.56 -22.73
N GLY A 8 -0.05 22.84 -22.65
CA GLY A 8 -1.05 21.95 -23.23
C GLY A 8 -1.25 20.84 -22.24
N GLN A 9 -0.15 20.15 -21.93
CA GLN A 9 -0.18 19.07 -20.98
C GLN A 9 -0.54 19.63 -19.59
N LEU A 10 -1.39 20.67 -19.56
CA LEU A 10 -1.88 21.30 -18.32
C LEU A 10 -3.13 20.52 -17.87
N ALA A 11 -3.20 19.26 -18.30
CA ALA A 11 -4.27 18.36 -17.89
C ALA A 11 -3.93 18.04 -16.42
N LEU A 12 -4.09 19.07 -15.60
CA LEU A 12 -3.89 19.04 -14.16
C LEU A 12 -5.34 18.84 -13.76
N GLU A 13 -6.23 19.14 -14.72
CA GLU A 13 -7.65 18.96 -14.49
C GLU A 13 -7.92 17.45 -14.46
N GLN A 14 -7.00 16.66 -15.00
CA GLN A 14 -7.13 15.20 -14.99
C GLN A 14 -6.93 14.67 -13.58
N ALA A 15 -6.28 15.44 -12.72
CA ALA A 15 -6.07 14.97 -11.35
C ALA A 15 -7.29 15.35 -10.52
N LYS A 16 -7.68 16.62 -10.67
CA LYS A 16 -8.81 17.21 -9.98
C LYS A 16 -10.09 16.41 -10.20
N THR A 17 -10.34 16.04 -11.44
CA THR A 17 -11.53 15.31 -11.84
C THR A 17 -11.69 13.89 -11.32
N PHE A 18 -10.59 13.15 -11.25
CA PHE A 18 -10.66 11.78 -10.79
C PHE A 18 -10.06 11.56 -9.41
N GLY A 19 -9.54 12.62 -8.80
CA GLY A 19 -8.94 12.49 -7.47
C GLY A 19 -7.86 11.41 -7.49
N GLY A 20 -6.79 11.68 -8.23
CA GLY A 20 -5.72 10.71 -8.37
C GLY A 20 -5.98 9.94 -9.66
N LYS A 21 -5.11 8.96 -9.95
CA LYS A 21 -5.24 8.17 -11.17
C LYS A 21 -5.41 6.67 -10.95
N LEU A 22 -5.29 6.21 -9.70
CA LEU A 22 -5.45 4.79 -9.41
C LEU A 22 -6.73 4.50 -8.67
N GLU A 23 -7.14 3.24 -8.70
CA GLU A 23 -8.39 2.80 -8.07
C GLU A 23 -8.20 1.33 -7.67
N VAL A 24 -8.91 0.88 -6.63
CA VAL A 24 -8.81 -0.51 -6.21
C VAL A 24 -10.12 -1.24 -6.53
N GLN A 25 -10.03 -2.26 -7.37
CA GLN A 25 -11.21 -3.02 -7.75
C GLN A 25 -11.14 -4.45 -7.27
N PRO A 26 -12.23 -4.96 -6.70
CA PRO A 26 -12.20 -6.35 -6.24
C PRO A 26 -12.34 -7.18 -7.49
N LYS A 27 -11.69 -8.34 -7.56
CA LYS A 27 -11.80 -9.16 -8.75
C LYS A 27 -12.61 -10.40 -8.42
N VAL A 28 -13.26 -10.34 -7.27
CA VAL A 28 -14.10 -11.39 -6.73
C VAL A 28 -15.52 -10.84 -6.50
N ASP A 29 -16.51 -11.75 -6.42
CA ASP A 29 -17.87 -11.34 -6.20
C ASP A 29 -18.07 -10.82 -4.79
N ILE A 30 -18.78 -9.71 -4.61
CA ILE A 30 -18.97 -9.15 -3.26
C ILE A 30 -20.25 -8.34 -3.04
N LYS A 31 -21.29 -8.59 -3.82
CA LYS A 31 -22.54 -7.83 -3.66
C LYS A 31 -23.55 -8.45 -2.68
N THR A 32 -23.32 -9.69 -2.23
CA THR A 32 -24.29 -10.35 -1.35
C THR A 32 -23.77 -11.00 -0.08
N LYS A 33 -24.71 -11.25 0.84
CA LYS A 33 -24.42 -11.91 2.10
C LYS A 33 -23.70 -13.25 1.79
N HIS A 34 -24.06 -13.88 0.68
CA HIS A 34 -23.44 -15.14 0.31
C HIS A 34 -22.02 -14.84 -0.18
N ASP A 35 -21.89 -13.73 -0.91
CA ASP A 35 -20.58 -13.37 -1.40
C ASP A 35 -19.65 -12.99 -0.25
N LEU A 36 -20.15 -12.27 0.75
CA LEU A 36 -19.29 -11.84 1.85
C LEU A 36 -18.90 -12.97 2.78
N SER A 37 -19.65 -14.08 2.74
CA SER A 37 -19.34 -15.21 3.60
C SER A 37 -18.19 -16.00 3.00
N ILE A 38 -17.86 -15.68 1.77
CA ILE A 38 -16.80 -16.34 1.04
C ILE A 38 -15.57 -15.41 0.99
N ALA A 39 -15.79 -14.14 0.64
CA ALA A 39 -14.69 -13.18 0.56
C ALA A 39 -14.28 -12.64 1.91
N TYR A 40 -15.14 -12.76 2.92
CA TYR A 40 -14.80 -12.24 4.24
C TYR A 40 -15.22 -13.09 5.45
N THR A 41 -15.44 -12.41 6.56
CA THR A 41 -15.82 -12.97 7.86
C THR A 41 -15.79 -14.48 8.10
N PRO A 42 -16.80 -15.24 7.61
CA PRO A 42 -16.71 -16.69 7.88
C PRO A 42 -15.63 -17.48 7.12
N GLY A 43 -15.87 -17.75 5.83
CA GLY A 43 -14.90 -18.51 5.03
C GLY A 43 -13.44 -18.07 5.02
N VAL A 44 -13.21 -16.77 4.83
CA VAL A 44 -11.86 -16.22 4.79
C VAL A 44 -10.95 -16.73 5.91
N ALA A 45 -11.53 -17.15 7.02
CA ALA A 45 -10.72 -17.63 8.14
C ALA A 45 -9.85 -18.84 7.77
N SER A 46 -10.30 -19.60 6.78
CA SER A 46 -9.58 -20.81 6.34
C SER A 46 -8.49 -20.50 5.33
N VAL A 47 -8.54 -19.31 4.73
CA VAL A 47 -7.52 -18.91 3.77
C VAL A 47 -6.34 -18.48 4.64
N SER A 48 -6.67 -17.82 5.74
CA SER A 48 -5.66 -17.38 6.68
C SER A 48 -4.97 -18.61 7.25
N SER A 49 -5.79 -19.58 7.67
CA SER A 49 -5.28 -20.82 8.26
C SER A 49 -4.31 -21.61 7.41
N ALA A 50 -4.62 -21.78 6.13
CA ALA A 50 -3.70 -22.53 5.27
C ALA A 50 -2.34 -21.84 5.26
N ILE A 51 -2.35 -20.52 5.16
CA ILE A 51 -1.13 -19.72 5.12
C ILE A 51 -0.37 -19.76 6.44
N ALA A 52 -1.09 -19.84 7.56
CA ALA A 52 -0.43 -19.88 8.86
C ALA A 52 0.42 -21.15 9.01
N LYS A 53 0.04 -22.21 8.30
CA LYS A 53 0.76 -23.49 8.34
C LYS A 53 1.87 -23.54 7.29
N ASP A 54 1.62 -22.89 6.15
CA ASP A 54 2.56 -22.84 5.02
C ASP A 54 2.58 -21.41 4.47
N LYS A 55 3.54 -20.62 4.94
CA LYS A 55 3.66 -19.22 4.54
C LYS A 55 3.98 -19.01 3.06
N THR A 56 4.33 -20.08 2.36
CA THR A 56 4.64 -20.01 0.94
C THR A 56 3.33 -19.79 0.20
N LEU A 57 2.26 -20.30 0.79
CA LEU A 57 0.96 -20.17 0.20
C LEU A 57 0.58 -18.70 -0.01
N ALA A 58 1.30 -17.80 0.65
CA ALA A 58 1.01 -16.38 0.50
C ALA A 58 1.03 -15.99 -0.98
N TYR A 59 1.89 -16.63 -1.77
CA TYR A 59 2.00 -16.32 -3.20
C TYR A 59 0.85 -16.84 -4.04
N ASP A 60 0.10 -17.80 -3.53
CA ASP A 60 -1.01 -18.36 -4.29
C ASP A 60 -2.37 -17.81 -3.86
N LEU A 61 -2.49 -17.49 -2.58
CA LEU A 61 -3.76 -17.02 -2.02
C LEU A 61 -3.92 -15.54 -1.69
N THR A 62 -2.89 -14.73 -1.90
CA THR A 62 -3.01 -13.30 -1.58
C THR A 62 -2.53 -12.47 -2.76
N THR A 63 -2.73 -11.16 -2.69
CA THR A 63 -2.29 -10.32 -3.78
C THR A 63 -0.80 -10.12 -3.82
N LYS A 64 -0.08 -10.69 -2.86
CA LYS A 64 1.36 -10.59 -2.86
C LYS A 64 1.90 -11.17 -4.19
N LYS A 65 1.09 -12.04 -4.78
CA LYS A 65 1.40 -12.71 -6.03
C LYS A 65 1.68 -11.80 -7.23
N ASN A 66 0.93 -10.71 -7.33
CA ASN A 66 1.05 -9.79 -8.47
C ASN A 66 1.16 -8.30 -8.09
N THR A 67 1.34 -8.00 -6.81
CA THR A 67 1.43 -6.59 -6.43
C THR A 67 2.79 -6.12 -5.93
N VAL A 68 3.23 -5.04 -6.52
CA VAL A 68 4.50 -4.44 -6.16
C VAL A 68 4.22 -3.07 -5.57
N ALA A 69 5.11 -2.63 -4.70
CA ALA A 69 4.96 -1.33 -4.12
C ALA A 69 5.94 -0.37 -4.79
N VAL A 70 5.48 0.86 -5.05
CA VAL A 70 6.34 1.86 -5.63
C VAL A 70 6.56 2.81 -4.44
N ILE A 71 7.78 2.83 -3.93
CA ILE A 71 8.10 3.64 -2.75
C ILE A 71 9.11 4.75 -2.97
N SER A 72 8.83 5.89 -2.33
CA SER A 72 9.68 7.09 -2.40
C SER A 72 9.50 7.93 -1.14
N ASP A 73 10.42 8.87 -0.94
CA ASP A 73 10.36 9.78 0.19
C ASP A 73 10.21 11.20 -0.36
N GLY A 74 9.97 11.29 -1.66
CA GLY A 74 9.81 12.59 -2.30
C GLY A 74 11.03 13.49 -2.29
N THR A 75 12.20 12.92 -2.05
CA THR A 75 13.43 13.73 -2.02
C THR A 75 14.06 13.96 -3.39
N ALA A 76 13.70 13.13 -4.36
CA ALA A 76 14.26 13.22 -5.71
C ALA A 76 13.22 12.98 -6.82
N VAL A 77 12.05 13.57 -6.64
CA VAL A 77 10.99 13.44 -7.63
C VAL A 77 11.35 14.08 -8.98
N LEU A 78 11.39 13.25 -10.02
CA LEU A 78 11.68 13.69 -11.39
C LEU A 78 12.86 14.68 -11.55
N GLY A 79 12.57 15.83 -12.16
CA GLY A 79 13.58 16.84 -12.38
C GLY A 79 13.34 18.02 -11.47
N LEU A 80 12.50 17.81 -10.47
CA LEU A 80 12.19 18.83 -9.48
C LEU A 80 13.18 18.57 -8.34
N GLY A 81 12.73 18.58 -7.10
CA GLY A 81 13.66 18.31 -6.01
C GLY A 81 12.99 17.71 -4.80
N ASP A 82 13.63 17.75 -3.64
CA ASP A 82 13.01 17.21 -2.45
C ASP A 82 11.77 18.06 -2.20
N ILE A 83 10.63 17.59 -2.71
CA ILE A 83 9.37 18.30 -2.58
C ILE A 83 8.41 17.67 -1.58
N GLY A 84 8.83 16.59 -0.95
CA GLY A 84 7.98 15.93 0.04
C GLY A 84 7.20 14.77 -0.52
N PRO A 85 6.71 13.87 0.36
CA PRO A 85 5.94 12.70 -0.07
C PRO A 85 4.62 12.99 -0.80
N GLU A 86 3.78 13.88 -0.28
CA GLU A 86 2.50 14.18 -0.95
C GLU A 86 2.68 14.66 -2.39
N ALA A 87 3.59 15.62 -2.59
CA ALA A 87 3.85 16.16 -3.93
C ALA A 87 4.40 15.09 -4.87
N ALA A 88 4.99 14.04 -4.30
CA ALA A 88 5.54 12.96 -5.11
C ALA A 88 4.45 11.99 -5.61
N MET A 89 3.42 11.79 -4.81
CA MET A 89 2.34 10.85 -5.12
C MET A 89 1.89 10.81 -6.58
N PRO A 90 1.64 11.98 -7.21
CA PRO A 90 1.21 12.00 -8.62
C PRO A 90 2.16 11.18 -9.50
N VAL A 91 3.45 11.27 -9.21
CA VAL A 91 4.45 10.54 -9.99
C VAL A 91 4.49 9.05 -9.65
N MET A 92 4.36 8.71 -8.37
CA MET A 92 4.39 7.31 -7.96
C MET A 92 3.13 6.58 -8.44
N GLU A 93 1.99 7.26 -8.46
CA GLU A 93 0.83 6.55 -8.91
C GLU A 93 0.82 6.53 -10.45
N GLY A 94 1.53 7.47 -11.06
CA GLY A 94 1.61 7.47 -12.51
C GLY A 94 2.47 6.28 -12.86
N LYS A 95 3.54 6.13 -12.10
CA LYS A 95 4.47 5.05 -12.30
C LYS A 95 3.74 3.72 -12.13
N ALA A 96 2.84 3.66 -11.15
CA ALA A 96 2.08 2.44 -10.90
C ALA A 96 1.06 2.16 -12.00
N ALA A 97 0.56 3.20 -12.64
CA ALA A 97 -0.41 2.98 -13.71
C ALA A 97 0.32 2.34 -14.91
N LEU A 98 1.62 2.59 -15.03
CA LEU A 98 2.38 2.01 -16.12
C LEU A 98 2.60 0.54 -15.84
N PHE A 99 2.90 0.23 -14.59
CA PHE A 99 3.14 -1.14 -14.15
C PHE A 99 1.96 -2.02 -14.56
N LYS A 100 0.77 -1.47 -14.47
CA LYS A 100 -0.41 -2.21 -14.84
C LYS A 100 -0.70 -2.18 -16.33
N ALA A 101 -0.54 -1.02 -16.96
CA ALA A 101 -0.82 -0.90 -18.40
C ALA A 101 0.15 -1.67 -19.33
N PHE A 102 1.44 -1.59 -19.07
CA PHE A 102 2.43 -2.28 -19.92
C PHE A 102 2.64 -3.75 -19.57
N ALA A 103 2.51 -4.09 -18.31
CA ALA A 103 2.69 -5.47 -17.88
C ALA A 103 1.44 -5.69 -17.06
N GLY A 104 1.19 -6.87 -16.55
CA GLY A 104 -0.03 -7.01 -15.76
C GLY A 104 0.20 -6.84 -14.28
N VAL A 105 1.14 -5.97 -13.92
CA VAL A 105 1.52 -5.77 -12.54
C VAL A 105 0.67 -4.80 -11.74
N ASP A 106 0.24 -5.25 -10.56
CA ASP A 106 -0.54 -4.42 -9.65
C ASP A 106 0.50 -3.69 -8.79
N ALA A 107 0.54 -2.36 -8.92
CA ALA A 107 1.50 -1.56 -8.18
C ALA A 107 0.75 -0.53 -7.31
N ILE A 108 1.14 -0.47 -6.04
CA ILE A 108 0.56 0.45 -5.06
C ILE A 108 1.56 1.60 -4.84
N PRO A 109 1.16 2.85 -5.09
CA PRO A 109 2.13 3.93 -4.85
C PRO A 109 2.18 4.26 -3.35
N ILE A 110 3.37 4.40 -2.80
CA ILE A 110 3.52 4.69 -1.37
C ILE A 110 4.63 5.68 -1.05
N VAL A 111 4.26 6.79 -0.42
CA VAL A 111 5.23 7.82 -0.06
C VAL A 111 5.32 8.00 1.44
N LEU A 112 6.52 7.93 1.99
CA LEU A 112 6.68 8.10 3.44
C LEU A 112 7.44 9.38 3.76
N ASP A 113 7.04 10.09 4.81
CA ASP A 113 7.78 11.30 5.17
C ASP A 113 8.80 10.99 6.25
N THR A 114 9.99 10.61 5.82
CA THR A 114 11.11 10.31 6.69
C THR A 114 12.25 10.32 5.71
N LYS A 115 13.34 11.00 6.07
CA LYS A 115 14.50 11.05 5.19
C LYS A 115 15.63 10.29 5.87
N ASP A 116 15.30 9.72 7.03
CA ASP A 116 16.25 8.96 7.81
C ASP A 116 16.45 7.60 7.13
N THR A 117 17.62 7.38 6.54
CA THR A 117 17.92 6.12 5.85
C THR A 117 17.56 4.91 6.70
N GLU A 118 18.09 4.89 7.92
CA GLU A 118 17.86 3.79 8.83
C GLU A 118 16.40 3.38 8.96
N GLU A 119 15.51 4.33 9.21
CA GLU A 119 14.11 3.97 9.36
C GLU A 119 13.36 3.78 8.04
N ILE A 120 13.96 4.13 6.91
CA ILE A 120 13.29 3.92 5.64
C ILE A 120 13.45 2.44 5.32
N ILE A 121 14.67 1.93 5.43
CA ILE A 121 14.92 0.52 5.12
C ILE A 121 14.17 -0.33 6.11
N SER A 122 13.97 0.20 7.31
CA SER A 122 13.26 -0.53 8.34
C SER A 122 11.75 -0.51 8.16
N ILE A 123 11.25 0.53 7.48
CA ILE A 123 9.80 0.67 7.20
C ILE A 123 9.40 -0.32 6.12
N VAL A 124 10.18 -0.31 5.04
CA VAL A 124 9.95 -1.20 3.91
C VAL A 124 10.11 -2.66 4.32
N LYS A 125 11.14 -2.96 5.10
CA LYS A 125 11.35 -4.34 5.53
C LYS A 125 10.07 -4.82 6.24
N ALA A 126 9.44 -3.92 6.97
CA ALA A 126 8.23 -4.28 7.69
C ALA A 126 7.04 -4.44 6.73
N LEU A 127 7.10 -3.77 5.59
CA LEU A 127 6.04 -3.84 4.59
C LEU A 127 6.21 -5.07 3.73
N ALA A 128 7.46 -5.47 3.52
CA ALA A 128 7.78 -6.59 2.66
C ALA A 128 6.75 -7.74 2.62
N PRO A 129 6.26 -8.18 3.79
CA PRO A 129 5.27 -9.28 3.83
C PRO A 129 4.11 -9.07 2.88
N THR A 130 3.64 -7.83 2.83
CA THR A 130 2.51 -7.42 2.01
C THR A 130 2.69 -7.60 0.51
N PHE A 131 3.86 -7.22 0.04
CA PHE A 131 4.14 -7.24 -1.37
C PHE A 131 4.97 -8.36 -1.94
N GLY A 132 4.94 -8.44 -3.27
CA GLY A 132 5.71 -9.45 -3.97
C GLY A 132 6.91 -8.79 -4.60
N GLY A 133 6.97 -7.45 -4.51
CA GLY A 133 8.08 -6.72 -5.08
C GLY A 133 8.13 -5.25 -4.66
N ILE A 134 9.34 -4.73 -4.50
CA ILE A 134 9.52 -3.33 -4.12
C ILE A 134 10.26 -2.54 -5.17
N ASN A 135 9.69 -1.43 -5.60
CA ASN A 135 10.33 -0.56 -6.58
C ASN A 135 10.62 0.79 -5.94
N LEU A 136 11.87 1.00 -5.52
CA LEU A 136 12.28 2.27 -4.91
C LEU A 136 12.32 3.31 -6.03
N GLU A 137 11.74 4.48 -5.78
CA GLU A 137 11.69 5.52 -6.80
C GLU A 137 11.98 6.93 -6.33
N ASP A 138 12.68 7.66 -7.17
CA ASP A 138 13.02 9.04 -6.91
C ASP A 138 13.56 9.40 -5.52
N ILE A 139 14.39 8.53 -4.93
CA ILE A 139 14.97 8.91 -3.64
C ILE A 139 16.40 9.38 -3.95
N SER A 140 16.77 10.53 -3.40
CA SER A 140 18.09 11.11 -3.66
C SER A 140 19.34 10.34 -3.20
N ALA A 141 20.42 10.54 -3.96
CA ALA A 141 21.71 9.95 -3.67
C ALA A 141 22.37 10.84 -2.62
N PRO A 142 23.27 10.26 -1.79
CA PRO A 142 23.71 8.87 -1.76
C PRO A 142 22.83 7.94 -0.91
N ARG A 143 21.84 8.50 -0.23
CA ARG A 143 20.93 7.69 0.58
C ARG A 143 20.23 6.63 -0.28
N CYS A 144 20.13 6.90 -1.58
CA CYS A 144 19.47 5.99 -2.50
C CYS A 144 20.28 4.75 -2.84
N PHE A 145 21.55 4.73 -2.44
CA PHE A 145 22.40 3.57 -2.73
C PHE A 145 22.50 2.62 -1.55
N GLU A 146 22.51 3.17 -0.35
CA GLU A 146 22.61 2.35 0.85
C GLU A 146 21.26 1.69 1.15
N ILE A 147 20.18 2.45 0.98
CA ILE A 147 18.83 1.92 1.22
C ILE A 147 18.56 0.70 0.35
N GLU A 148 18.97 0.78 -0.92
CA GLU A 148 18.75 -0.32 -1.85
C GLU A 148 19.58 -1.55 -1.52
N GLN A 149 20.84 -1.34 -1.17
CA GLN A 149 21.73 -2.45 -0.86
C GLN A 149 21.33 -3.17 0.43
N ARG A 150 20.96 -2.41 1.45
CA ARG A 150 20.54 -3.00 2.70
C ARG A 150 19.20 -3.71 2.50
N LEU A 151 18.41 -3.20 1.56
CA LEU A 151 17.08 -3.74 1.25
C LEU A 151 17.14 -5.02 0.43
N ILE A 152 18.07 -5.03 -0.51
CA ILE A 152 18.29 -6.17 -1.38
C ILE A 152 18.79 -7.35 -0.55
N LYS A 153 19.72 -7.04 0.35
CA LYS A 153 20.33 -8.03 1.22
C LYS A 153 19.39 -8.53 2.29
N GLU A 154 18.76 -7.62 3.02
CA GLU A 154 17.84 -7.99 4.09
C GLU A 154 16.42 -8.44 3.71
N CYS A 155 15.98 -8.20 2.47
CA CYS A 155 14.63 -8.60 2.07
C CYS A 155 14.50 -9.97 1.40
N HIS A 156 13.30 -10.55 1.57
CA HIS A 156 12.99 -11.86 1.00
C HIS A 156 12.28 -11.73 -0.34
N ILE A 157 12.08 -10.49 -0.77
CA ILE A 157 11.44 -10.22 -2.04
C ILE A 157 12.35 -9.29 -2.83
N PRO A 158 12.22 -9.28 -4.15
CA PRO A 158 13.06 -8.44 -5.00
C PRO A 158 12.86 -6.94 -4.83
N VAL A 159 13.98 -6.22 -4.67
CA VAL A 159 13.93 -4.76 -4.54
C VAL A 159 14.72 -4.21 -5.71
N PHE A 160 14.17 -3.22 -6.39
CA PHE A 160 14.81 -2.64 -7.57
C PHE A 160 14.71 -1.13 -7.53
N HIS A 161 15.85 -0.44 -7.47
CA HIS A 161 15.83 1.03 -7.49
C HIS A 161 15.83 1.32 -8.95
N ASP A 162 14.70 1.80 -9.45
CA ASP A 162 14.54 2.04 -10.88
C ASP A 162 15.32 3.19 -11.48
N ASP A 163 15.36 4.33 -10.81
CA ASP A 163 16.07 5.50 -11.32
C ASP A 163 17.57 5.29 -11.53
N GLN A 164 18.04 4.06 -11.33
CA GLN A 164 19.45 3.74 -11.48
C GLN A 164 19.71 2.63 -12.50
N HIS A 165 19.38 1.40 -12.09
CA HIS A 165 19.56 0.24 -12.96
C HIS A 165 18.62 0.27 -14.16
N GLY A 166 17.57 1.07 -14.06
CA GLY A 166 16.60 1.17 -15.14
C GLY A 166 17.16 1.58 -16.49
N THR A 167 17.64 2.82 -16.60
CA THR A 167 18.19 3.28 -17.86
C THR A 167 19.42 2.48 -18.20
N ALA A 168 20.10 1.98 -17.17
CA ALA A 168 21.30 1.17 -17.35
C ALA A 168 20.96 -0.01 -18.24
N ILE A 169 19.88 -0.69 -17.90
CA ILE A 169 19.42 -1.86 -18.63
C ILE A 169 18.99 -1.49 -20.06
N VAL A 170 18.54 -0.27 -20.24
CA VAL A 170 18.11 0.15 -21.57
C VAL A 170 19.32 0.60 -22.36
N VAL A 171 20.34 1.09 -21.65
CA VAL A 171 21.55 1.52 -22.31
C VAL A 171 22.29 0.26 -22.77
N LEU A 172 22.23 -0.77 -21.93
CA LEU A 172 22.86 -2.03 -22.24
C LEU A 172 22.19 -2.65 -23.44
N ALA A 173 20.89 -2.45 -23.58
CA ALA A 173 20.17 -3.03 -24.70
C ALA A 173 20.47 -2.21 -25.93
N ALA A 174 20.64 -0.90 -25.71
CA ALA A 174 20.93 0.03 -26.80
C ALA A 174 22.30 -0.22 -27.43
N ILE A 175 23.20 -0.88 -26.71
CA ILE A 175 24.50 -1.13 -27.32
C ILE A 175 24.43 -2.48 -28.04
N PHE A 176 23.78 -3.47 -27.44
CA PHE A 176 23.66 -4.78 -28.09
C PHE A 176 23.23 -4.51 -29.55
N ASN A 177 22.28 -3.58 -29.69
CA ASN A 177 21.81 -3.23 -31.01
C ASN A 177 22.80 -2.34 -31.72
N SER A 178 23.61 -1.62 -30.96
CA SER A 178 24.61 -0.77 -31.56
C SER A 178 25.75 -1.62 -32.09
N LEU A 179 26.08 -2.70 -31.38
CA LEU A 179 27.13 -3.61 -31.80
C LEU A 179 26.81 -4.08 -33.21
N LYS A 180 25.61 -4.64 -33.36
CA LYS A 180 25.12 -5.16 -34.62
C LYS A 180 25.39 -4.32 -35.87
N LEU A 181 24.93 -3.07 -35.88
CA LEU A 181 25.12 -2.21 -37.04
C LEU A 181 26.49 -1.57 -37.15
N LEU A 182 27.48 -2.20 -36.54
CA LEU A 182 28.85 -1.72 -36.61
C LEU A 182 29.73 -2.87 -37.08
N LYS A 183 29.23 -4.09 -36.85
CA LYS A 183 29.91 -5.32 -37.22
C LYS A 183 31.04 -5.63 -36.27
N LYS A 184 30.86 -5.27 -35.01
CA LYS A 184 31.88 -5.52 -33.99
C LYS A 184 31.28 -6.36 -32.88
N SER A 185 32.12 -6.95 -32.03
CA SER A 185 31.60 -7.74 -30.91
C SER A 185 31.74 -6.91 -29.63
N LEU A 186 31.24 -7.47 -28.54
CA LEU A 186 31.31 -6.78 -27.25
C LEU A 186 32.66 -7.06 -26.60
N ASP A 187 33.43 -7.96 -27.20
CA ASP A 187 34.75 -8.33 -26.68
C ASP A 187 35.82 -7.70 -27.56
N GLU A 188 35.40 -6.90 -28.52
CA GLU A 188 36.33 -6.24 -29.42
C GLU A 188 36.15 -4.74 -29.21
N VAL A 189 35.16 -4.38 -28.42
CA VAL A 189 34.89 -2.96 -28.19
C VAL A 189 35.65 -2.33 -27.04
N SER A 190 36.08 -1.09 -27.27
CA SER A 190 36.79 -0.30 -26.28
C SER A 190 35.71 0.65 -25.76
N ILE A 191 35.26 0.37 -24.54
CA ILE A 191 34.19 1.11 -23.88
C ILE A 191 34.66 2.04 -22.76
N VAL A 192 34.39 3.34 -22.90
CA VAL A 192 34.77 4.34 -21.90
C VAL A 192 33.55 4.80 -21.09
N VAL A 193 33.57 4.59 -19.78
CA VAL A 193 32.46 5.01 -18.92
C VAL A 193 32.81 6.20 -18.03
N ASN A 194 32.11 7.31 -18.18
CA ASN A 194 32.38 8.49 -17.38
C ASN A 194 31.48 8.51 -16.14
N GLY A 195 32.07 8.19 -14.99
CA GLY A 195 31.30 8.18 -13.76
C GLY A 195 31.91 7.25 -12.73
N GLY A 196 32.55 7.82 -11.71
CA GLY A 196 33.17 7.00 -10.68
C GLY A 196 32.16 6.58 -9.64
N GLY A 197 31.05 7.31 -9.58
CA GLY A 197 30.00 7.00 -8.64
C GLY A 197 29.56 5.56 -8.73
N SER A 198 28.63 5.16 -7.85
CA SER A 198 28.13 3.79 -7.83
C SER A 198 27.38 3.43 -9.11
N ALA A 199 26.70 4.42 -9.70
CA ALA A 199 25.94 4.22 -10.92
C ALA A 199 26.88 3.82 -12.05
N GLY A 200 27.88 4.65 -12.31
CA GLY A 200 28.84 4.35 -13.35
C GLY A 200 29.47 3.01 -13.08
N LEU A 201 29.73 2.71 -11.81
CA LEU A 201 30.33 1.44 -11.45
C LEU A 201 29.40 0.27 -11.76
N SER A 202 28.12 0.42 -11.46
CA SER A 202 27.18 -0.66 -11.74
C SER A 202 27.20 -0.96 -13.22
N ILE A 203 26.90 0.06 -14.05
CA ILE A 203 26.91 -0.14 -15.49
C ILE A 203 28.15 -0.93 -15.89
N THR A 204 29.28 -0.54 -15.32
CA THR A 204 30.55 -1.19 -15.61
C THR A 204 30.51 -2.67 -15.24
N ARG A 205 30.02 -2.99 -14.04
CA ARG A 205 29.93 -4.40 -13.65
C ARG A 205 29.05 -5.12 -14.65
N LYS A 206 27.92 -4.50 -14.98
CA LYS A 206 26.99 -5.08 -15.92
C LYS A 206 27.69 -5.34 -17.25
N LEU A 207 28.37 -4.34 -17.79
CA LEU A 207 29.09 -4.51 -19.04
C LEU A 207 30.06 -5.71 -19.04
N LEU A 208 30.86 -5.83 -18.00
CA LEU A 208 31.80 -6.94 -17.94
C LEU A 208 31.04 -8.25 -17.91
N ALA A 209 29.95 -8.28 -17.15
CA ALA A 209 29.11 -9.46 -17.02
C ALA A 209 28.40 -9.76 -18.35
N ALA A 210 28.19 -8.71 -19.13
CA ALA A 210 27.51 -8.85 -20.41
C ALA A 210 28.44 -9.37 -21.49
N GLY A 211 29.73 -9.34 -21.23
CA GLY A 211 30.70 -9.79 -22.21
C GLY A 211 31.90 -8.87 -22.33
N ALA A 212 31.63 -7.57 -22.48
CA ALA A 212 32.66 -6.53 -22.61
C ALA A 212 34.04 -6.93 -22.07
N THR A 213 35.05 -6.84 -22.92
CA THR A 213 36.42 -7.18 -22.59
C THR A 213 37.24 -6.00 -22.06
N LYS A 214 37.16 -4.87 -22.75
CA LYS A 214 37.90 -3.70 -22.33
C LYS A 214 37.09 -2.44 -22.01
N VAL A 215 36.99 -2.14 -20.72
CA VAL A 215 36.27 -0.97 -20.23
C VAL A 215 37.20 -0.08 -19.40
N THR A 216 37.23 1.22 -19.70
CA THR A 216 38.05 2.14 -18.93
C THR A 216 37.10 3.10 -18.24
N VAL A 217 37.20 3.17 -16.92
CA VAL A 217 36.34 4.03 -16.10
C VAL A 217 36.98 5.39 -15.85
N VAL A 218 36.18 6.44 -15.88
CA VAL A 218 36.73 7.76 -15.65
C VAL A 218 35.94 8.53 -14.65
N ASP A 219 36.62 9.21 -13.73
CA ASP A 219 35.88 10.02 -12.79
C ASP A 219 36.24 11.48 -12.97
N LYS A 220 35.99 12.29 -11.95
CA LYS A 220 36.25 13.72 -12.00
C LYS A 220 37.73 14.12 -12.05
N PHE A 221 38.63 13.18 -11.74
CA PHE A 221 40.06 13.47 -11.72
C PHE A 221 40.91 12.69 -12.72
N GLY A 222 40.26 12.04 -13.68
CA GLY A 222 41.00 11.28 -14.67
C GLY A 222 40.69 9.79 -14.72
N ILE A 223 41.43 9.08 -15.55
CA ILE A 223 41.26 7.65 -15.73
C ILE A 223 41.55 6.82 -14.48
N ILE A 224 40.70 5.83 -14.22
CA ILE A 224 40.92 4.94 -13.09
C ILE A 224 42.00 3.96 -13.52
N ASN A 225 43.23 4.19 -13.12
CA ASN A 225 44.30 3.29 -13.52
C ASN A 225 44.74 2.47 -12.32
N GLU A 226 44.89 1.18 -12.51
CA GLU A 226 45.26 0.30 -11.42
C GLU A 226 46.66 0.57 -10.89
N GLN A 227 47.60 0.86 -11.80
CA GLN A 227 48.97 1.11 -11.40
C GLN A 227 49.23 2.54 -10.94
N GLU A 228 48.19 3.19 -10.45
CA GLU A 228 48.30 4.55 -9.93
C GLU A 228 47.55 4.58 -8.61
N ALA A 229 48.16 4.02 -7.55
CA ALA A 229 47.54 4.01 -6.24
C ALA A 229 47.28 5.45 -5.78
N ALA A 230 46.52 6.16 -6.60
CA ALA A 230 46.15 7.55 -6.38
C ALA A 230 44.64 7.64 -6.58
N GLN A 231 43.96 6.50 -6.52
CA GLN A 231 42.52 6.46 -6.71
C GLN A 231 41.83 5.94 -5.45
N LEU A 232 40.65 6.51 -5.17
CA LEU A 232 39.83 6.17 -4.00
C LEU A 232 39.72 4.69 -3.66
N ALA A 233 39.16 4.43 -2.47
CA ALA A 233 38.98 3.07 -1.98
C ALA A 233 37.86 2.33 -2.72
N PRO A 234 37.63 2.72 -3.98
CA PRO A 234 36.61 2.11 -4.81
C PRO A 234 36.92 2.34 -6.30
N ASP A 238 39.28 0.34 -5.83
CA ASP A 238 40.24 -0.75 -5.66
C ASP A 238 39.90 -1.94 -6.56
N ILE A 239 38.61 -2.26 -6.63
CA ILE A 239 38.15 -3.40 -7.41
C ILE A 239 38.01 -3.19 -8.91
N ALA A 240 37.33 -2.11 -9.30
CA ALA A 240 37.15 -1.82 -10.72
C ALA A 240 38.52 -1.66 -11.37
N LYS A 241 39.48 -1.13 -10.62
CA LYS A 241 40.86 -0.94 -11.13
C LYS A 241 41.38 -2.25 -11.70
N VAL A 242 41.14 -3.31 -10.93
CA VAL A 242 41.56 -4.68 -11.25
C VAL A 242 40.98 -5.28 -12.54
N THR A 243 39.76 -4.90 -12.91
CA THR A 243 39.14 -5.49 -14.10
C THR A 243 38.87 -4.57 -15.28
N ASN A 244 39.24 -3.30 -15.16
CA ASN A 244 39.05 -2.36 -16.25
C ASN A 244 40.39 -1.71 -16.53
N ARG A 245 40.48 -0.91 -17.58
CA ARG A 245 41.72 -0.20 -17.91
C ARG A 245 42.93 -1.10 -17.74
N GLU A 246 42.94 -2.26 -18.41
CA GLU A 246 44.06 -3.18 -18.25
C GLU A 246 45.29 -2.90 -19.13
N PHE A 247 45.35 -1.70 -19.70
CA PHE A 247 46.49 -1.26 -20.50
C PHE A 247 47.12 -0.18 -19.64
N LYS A 248 46.33 0.28 -18.68
CA LYS A 248 46.75 1.30 -17.75
C LYS A 248 47.13 2.60 -18.41
N SER A 249 46.16 3.24 -19.05
CA SER A 249 46.38 4.54 -19.67
C SER A 249 46.18 5.57 -18.57
N GLY A 250 47.25 6.29 -18.23
CA GLY A 250 47.16 7.28 -17.17
C GLY A 250 46.98 8.67 -17.72
N THR A 251 45.77 8.98 -18.17
CA THR A 251 45.50 10.31 -18.71
C THR A 251 44.16 10.92 -18.30
N LEU A 252 43.48 11.55 -19.25
CA LEU A 252 42.20 12.20 -18.99
C LEU A 252 41.09 11.74 -19.94
N GLU A 253 39.85 12.10 -19.60
CA GLU A 253 38.69 11.77 -20.42
C GLU A 253 39.05 11.95 -21.90
N ASP A 254 39.53 13.16 -22.25
CA ASP A 254 39.92 13.47 -23.62
C ASP A 254 40.85 12.37 -24.11
N ALA A 255 41.84 12.03 -23.30
CA ALA A 255 42.81 11.02 -23.66
C ALA A 255 42.22 9.61 -23.57
N LEU A 256 40.89 9.51 -23.56
CA LEU A 256 40.26 8.20 -23.49
C LEU A 256 39.44 7.86 -24.72
N GLU A 257 38.90 8.88 -25.36
CA GLU A 257 38.12 8.70 -26.57
C GLU A 257 39.03 8.09 -27.62
N GLY A 258 40.34 8.31 -27.47
CA GLY A 258 41.34 7.80 -28.39
C GLY A 258 41.04 6.38 -28.81
N ALA A 259 40.46 6.25 -29.99
CA ALA A 259 40.07 4.95 -30.57
C ALA A 259 39.12 4.14 -29.68
N ASP A 260 38.10 4.80 -29.15
CA ASP A 260 37.11 4.13 -28.30
C ASP A 260 35.90 3.94 -29.19
N ILE A 261 35.26 2.77 -29.09
CA ILE A 261 34.10 2.48 -29.91
C ILE A 261 32.79 3.14 -29.42
N PHE A 262 32.82 3.69 -28.21
CA PHE A 262 31.68 4.41 -27.61
C PHE A 262 31.78 4.71 -26.13
N ILE A 263 31.12 5.78 -25.72
CA ILE A 263 31.09 6.27 -24.35
C ILE A 263 29.70 6.29 -23.72
N GLY A 264 29.63 5.84 -22.46
CA GLY A 264 28.41 5.85 -21.68
C GLY A 264 28.74 6.88 -20.60
N VAL A 265 27.87 7.86 -20.39
CA VAL A 265 28.18 8.90 -19.42
C VAL A 265 27.20 9.29 -18.28
N SER A 266 27.61 10.27 -17.47
CA SER A 266 26.81 10.76 -16.35
C SER A 266 27.06 12.23 -15.91
N ALA A 267 27.98 12.94 -16.58
CA ALA A 267 28.27 14.35 -16.21
C ALA A 267 27.95 15.38 -17.30
N PRO A 268 27.36 16.52 -16.92
CA PRO A 268 26.95 17.66 -17.77
C PRO A 268 27.96 18.26 -18.74
N GLY A 269 27.70 18.11 -20.04
CA GLY A 269 28.54 18.67 -21.09
C GLY A 269 30.04 18.41 -21.02
N VAL A 270 30.43 17.33 -20.35
CA VAL A 270 31.82 16.98 -20.18
C VAL A 270 32.51 16.50 -21.47
N LEU A 271 31.72 16.25 -22.51
CA LEU A 271 32.27 15.79 -23.79
C LEU A 271 32.21 16.82 -24.89
N LYS A 272 33.34 17.47 -25.15
CA LYS A 272 33.44 18.50 -26.18
C LYS A 272 33.67 17.89 -27.57
N ALA A 273 32.78 18.23 -28.50
CA ALA A 273 32.80 17.74 -29.88
C ALA A 273 34.17 17.35 -30.47
N GLU A 274 35.12 18.29 -30.48
CA GLU A 274 36.45 18.05 -31.05
C GLU A 274 36.96 16.64 -30.83
N TRP A 275 36.85 16.17 -29.59
CA TRP A 275 37.33 14.85 -29.22
C TRP A 275 36.74 13.74 -30.07
N ILE A 276 35.43 13.77 -30.25
CA ILE A 276 34.73 12.75 -31.04
C ILE A 276 35.55 12.36 -32.25
N SER A 277 36.12 13.38 -32.90
CA SER A 277 36.94 13.18 -34.07
C SER A 277 37.99 12.09 -33.82
N LYS A 278 38.62 12.13 -32.65
CA LYS A 278 39.66 11.16 -32.30
C LYS A 278 39.18 9.81 -31.77
N MET A 279 37.87 9.59 -31.73
CA MET A 279 37.32 8.31 -31.26
C MET A 279 37.49 7.27 -32.36
N ALA A 280 37.08 6.04 -32.09
CA ALA A 280 37.18 4.97 -33.09
C ALA A 280 36.40 5.34 -34.36
N ALA A 281 36.28 4.39 -35.28
CA ALA A 281 35.61 4.60 -36.57
C ALA A 281 34.16 5.03 -36.52
N ARG A 282 33.30 4.15 -36.00
CA ARG A 282 31.85 4.44 -35.87
C ARG A 282 31.59 4.66 -34.38
N PRO A 283 31.87 5.87 -33.90
CA PRO A 283 31.69 6.21 -32.49
C PRO A 283 30.25 6.35 -32.00
N VAL A 284 29.87 5.48 -31.06
CA VAL A 284 28.55 5.52 -30.47
C VAL A 284 28.71 6.44 -29.26
N ILE A 285 27.61 7.02 -28.78
CA ILE A 285 27.64 7.94 -27.65
C ILE A 285 26.34 7.93 -26.87
N PHE A 286 26.42 7.73 -25.56
CA PHE A 286 25.22 7.72 -24.73
C PHE A 286 25.32 8.75 -23.62
N ALA A 287 24.89 9.97 -23.92
CA ALA A 287 24.94 11.05 -22.95
C ALA A 287 23.65 10.98 -22.13
N MET A 288 23.69 10.22 -21.05
CA MET A 288 22.54 10.02 -20.18
C MET A 288 22.29 11.11 -19.16
N ALA A 289 23.17 12.10 -19.09
CA ALA A 289 23.00 13.17 -18.13
C ALA A 289 21.64 13.85 -18.33
N ASN A 290 20.90 13.94 -17.22
CA ASN A 290 19.57 14.53 -17.12
C ASN A 290 19.55 15.91 -17.79
N PRO A 291 18.38 16.57 -17.85
CA PRO A 291 18.30 17.89 -18.51
C PRO A 291 19.44 18.19 -19.48
N ILE A 292 20.54 18.74 -18.96
CA ILE A 292 21.69 19.08 -19.79
C ILE A 292 22.62 17.86 -19.90
N PRO A 293 22.50 17.10 -21.01
CA PRO A 293 23.30 15.91 -21.31
C PRO A 293 24.80 16.22 -21.41
N GLU A 294 25.58 15.18 -21.66
CA GLU A 294 27.01 15.30 -21.79
C GLU A 294 27.36 15.97 -23.11
N ILE A 295 26.41 15.92 -24.05
CA ILE A 295 26.56 16.56 -25.35
C ILE A 295 25.33 16.33 -26.21
N TYR A 296 24.68 17.40 -26.65
CA TYR A 296 23.47 17.27 -27.45
C TYR A 296 23.75 16.46 -28.71
N PRO A 297 22.88 15.48 -29.02
CA PRO A 297 22.94 14.56 -30.16
C PRO A 297 23.32 15.16 -31.51
N ASP A 298 22.70 16.28 -31.86
CA ASP A 298 23.00 16.95 -33.13
C ASP A 298 24.41 17.53 -33.05
N GLU A 299 24.69 18.17 -31.92
CA GLU A 299 25.99 18.78 -31.68
C GLU A 299 27.12 17.75 -31.69
N ALA A 300 26.77 16.47 -31.60
CA ALA A 300 27.78 15.41 -31.58
C ALA A 300 27.77 14.59 -32.86
N LEU A 301 26.81 14.84 -33.73
CA LEU A 301 26.73 14.12 -34.99
C LEU A 301 27.61 14.79 -36.05
N GLU A 302 27.65 16.12 -36.00
CA GLU A 302 28.44 16.90 -36.93
C GLU A 302 29.92 16.73 -36.63
N ALA A 303 30.21 16.17 -35.46
CA ALA A 303 31.58 15.94 -35.03
C ALA A 303 32.10 14.65 -35.68
N GLY A 304 31.21 13.69 -35.89
CA GLY A 304 31.64 12.46 -36.52
C GLY A 304 31.11 11.20 -35.87
N ALA A 305 30.15 11.36 -34.96
CA ALA A 305 29.56 10.21 -34.27
C ALA A 305 28.65 9.43 -35.20
N TYR A 306 28.59 8.11 -35.01
CA TYR A 306 27.75 7.26 -35.83
C TYR A 306 26.39 7.01 -35.17
N ILE A 307 26.39 7.02 -33.83
CA ILE A 307 25.18 6.80 -33.06
C ILE A 307 25.16 7.71 -31.84
N VAL A 308 23.99 8.25 -31.54
CA VAL A 308 23.82 9.12 -30.39
C VAL A 308 22.51 8.84 -29.68
N GLY A 309 22.59 8.70 -28.36
CA GLY A 309 21.40 8.44 -27.59
C GLY A 309 21.45 9.26 -26.34
N THR A 310 20.28 9.68 -25.87
CA THR A 310 20.18 10.47 -24.65
C THR A 310 18.96 10.02 -23.90
N GLY A 311 18.58 10.80 -22.89
CA GLY A 311 17.39 10.49 -22.13
C GLY A 311 16.39 11.61 -22.39
N ARG A 312 16.48 12.20 -23.57
CA ARG A 312 15.59 13.29 -23.95
C ARG A 312 14.66 12.93 -25.10
N SER A 313 13.38 13.25 -24.94
CA SER A 313 12.36 12.94 -25.92
C SER A 313 12.46 13.65 -27.26
N ASP A 314 13.05 14.83 -27.29
CA ASP A 314 13.17 15.57 -28.53
C ASP A 314 14.16 14.99 -29.56
N PHE A 315 15.24 14.37 -29.09
CA PHE A 315 16.22 13.78 -30.00
C PHE A 315 15.92 12.30 -30.22
N PRO A 316 16.48 11.74 -31.29
CA PRO A 316 16.28 10.32 -31.63
C PRO A 316 17.03 9.40 -30.68
N ASN A 317 16.52 8.19 -30.50
CA ASN A 317 17.15 7.21 -29.64
C ASN A 317 17.09 7.62 -28.17
N GLN A 318 15.89 7.63 -27.62
CA GLN A 318 15.72 7.97 -26.21
C GLN A 318 15.81 6.68 -25.39
N ILE A 319 16.69 6.71 -24.41
CA ILE A 319 16.91 5.58 -23.52
C ILE A 319 15.99 5.82 -22.35
N ASN A 320 14.80 5.23 -22.38
CA ASN A 320 13.88 5.45 -21.27
C ASN A 320 13.49 4.21 -20.47
N ASN A 321 13.45 4.44 -19.17
CA ASN A 321 13.13 3.45 -18.14
C ASN A 321 11.99 2.52 -18.50
N VAL A 322 10.96 3.09 -19.09
CA VAL A 322 9.75 2.37 -19.44
C VAL A 322 9.92 0.97 -20.04
N LEU A 323 10.85 0.82 -20.98
CA LEU A 323 11.09 -0.49 -21.62
C LEU A 323 11.70 -1.53 -20.69
N ALA A 324 11.91 -1.18 -19.42
CA ALA A 324 12.53 -2.13 -18.51
C ALA A 324 11.79 -2.51 -17.24
N PHE A 325 11.36 -1.54 -16.44
CA PHE A 325 10.71 -1.91 -15.18
C PHE A 325 9.45 -2.76 -15.26
N PRO A 326 8.70 -2.65 -16.36
CA PRO A 326 7.51 -3.49 -16.39
C PRO A 326 7.87 -4.97 -16.53
N GLY A 327 8.56 -5.29 -17.60
CA GLY A 327 8.95 -6.68 -17.86
C GLY A 327 9.75 -7.38 -16.78
N ILE A 328 10.69 -6.66 -16.18
CA ILE A 328 11.55 -7.22 -15.14
C ILE A 328 10.79 -7.70 -13.91
N PHE A 329 9.80 -6.93 -13.46
CA PHE A 329 9.03 -7.37 -12.31
C PHE A 329 8.01 -8.42 -12.72
N ARG A 330 7.48 -8.29 -13.94
CA ARG A 330 6.50 -9.27 -14.40
C ARG A 330 7.23 -10.62 -14.44
N GLY A 331 8.44 -10.62 -14.98
CA GLY A 331 9.24 -11.83 -15.06
C GLY A 331 9.63 -12.33 -13.68
N ALA A 332 10.01 -11.41 -12.80
CA ALA A 332 10.42 -11.74 -11.44
C ALA A 332 9.25 -12.28 -10.61
N LEU A 333 8.08 -11.63 -10.74
CA LEU A 333 6.87 -12.04 -10.05
C LEU A 333 6.46 -13.44 -10.50
N ASP A 334 6.44 -13.65 -11.80
CA ASP A 334 6.09 -14.93 -12.40
C ASP A 334 6.96 -16.05 -11.85
N ALA A 335 8.23 -15.76 -11.58
CA ALA A 335 9.14 -16.77 -11.07
C ALA A 335 9.21 -16.83 -9.56
N ARG A 336 8.63 -15.84 -8.90
CA ARG A 336 8.66 -15.79 -7.44
C ARG A 336 10.14 -15.70 -7.06
N ALA A 337 10.84 -14.79 -7.70
CA ALA A 337 12.25 -14.61 -7.42
C ALA A 337 12.42 -13.90 -6.10
N LYS A 338 13.29 -14.43 -5.24
CA LYS A 338 13.54 -13.83 -3.93
C LYS A 338 14.47 -12.62 -4.07
N THR A 339 14.80 -12.28 -5.31
CA THR A 339 15.67 -11.15 -5.61
C THR A 339 15.96 -11.06 -7.12
N ILE A 340 16.29 -9.85 -7.58
CA ILE A 340 16.62 -9.66 -8.98
C ILE A 340 18.13 -9.71 -9.17
N THR A 341 18.59 -10.71 -9.90
CA THR A 341 20.02 -10.91 -10.16
C THR A 341 20.53 -9.96 -11.23
N VAL A 342 21.84 -10.02 -11.45
CA VAL A 342 22.52 -9.20 -12.44
C VAL A 342 22.33 -9.84 -13.80
N GLU A 343 22.30 -11.17 -13.84
CA GLU A 343 22.09 -11.87 -15.10
C GLU A 343 20.65 -11.61 -15.58
N MET A 344 19.73 -11.52 -14.62
CA MET A 344 18.33 -11.24 -14.91
C MET A 344 18.18 -9.87 -15.59
N GLN A 345 18.99 -8.91 -15.16
CA GLN A 345 18.96 -7.58 -15.74
C GLN A 345 19.51 -7.55 -17.17
N ILE A 346 20.53 -8.37 -17.44
CA ILE A 346 21.10 -8.43 -18.80
C ILE A 346 20.08 -9.15 -19.66
N ALA A 347 19.42 -10.14 -19.06
CA ALA A 347 18.39 -10.91 -19.73
C ALA A 347 17.39 -9.90 -20.28
N ALA A 348 16.98 -8.97 -19.41
CA ALA A 348 16.03 -7.93 -19.80
C ALA A 348 16.56 -7.13 -20.98
N ALA A 349 17.87 -6.84 -20.96
CA ALA A 349 18.49 -6.06 -22.03
C ALA A 349 18.44 -6.75 -23.39
N LYS A 350 18.64 -8.07 -23.41
CA LYS A 350 18.60 -8.79 -24.67
C LYS A 350 17.17 -8.80 -25.19
N GLY A 351 16.23 -9.11 -24.29
CA GLY A 351 14.82 -9.14 -24.64
C GLY A 351 14.46 -7.81 -25.30
N ILE A 352 14.77 -6.73 -24.60
CA ILE A 352 14.49 -5.41 -25.15
C ILE A 352 15.14 -5.33 -26.54
N ALA A 353 16.38 -5.83 -26.63
CA ALA A 353 17.11 -5.80 -27.89
C ALA A 353 16.37 -6.55 -29.00
N SER A 354 15.86 -7.73 -28.69
CA SER A 354 15.11 -8.55 -29.64
C SER A 354 13.96 -7.83 -30.37
N LEU A 355 13.46 -6.73 -29.82
CA LEU A 355 12.34 -6.03 -30.43
C LEU A 355 12.66 -5.07 -31.56
N VAL A 356 13.87 -5.15 -32.11
CA VAL A 356 14.22 -4.28 -33.20
C VAL A 356 14.66 -5.14 -34.38
N PRO A 357 13.80 -5.23 -35.41
CA PRO A 357 14.00 -6.00 -36.64
C PRO A 357 15.13 -5.46 -37.50
N ASP A 358 14.88 -4.31 -38.11
CA ASP A 358 15.88 -3.67 -38.95
C ASP A 358 16.18 -2.27 -38.43
N ASP A 359 17.25 -2.25 -37.75
CA ASP A 359 17.72 -1.04 -37.17
C ASP A 359 18.54 -0.17 -38.09
N ALA A 360 18.67 1.02 -37.53
CA ALA A 360 19.31 2.23 -37.94
C ALA A 360 18.49 3.40 -37.28
N LEU A 361 19.22 4.28 -36.55
CA LEU A 361 18.59 5.42 -35.99
C LEU A 361 17.34 5.00 -35.23
N SER A 362 17.23 3.70 -35.13
CA SER A 362 16.11 3.07 -34.47
C SER A 362 16.72 1.77 -33.91
N THR A 363 17.37 1.88 -32.76
CA THR A 363 18.00 0.73 -32.12
C THR A 363 17.28 0.31 -30.85
N THR A 364 16.41 1.19 -30.35
CA THR A 364 15.63 0.87 -29.16
C THR A 364 14.16 0.78 -29.57
N ASN A 365 13.53 -0.31 -29.21
CA ASN A 365 12.13 -0.53 -29.55
C ASN A 365 11.17 0.45 -28.91
N ILE A 366 10.05 0.66 -29.61
CA ILE A 366 8.98 1.56 -29.20
C ILE A 366 8.09 0.82 -28.19
N ILE A 367 6.83 1.22 -28.04
CA ILE A 367 5.95 0.54 -27.10
C ILE A 367 4.87 -0.29 -27.79
N PRO A 368 5.27 -1.42 -28.41
CA PRO A 368 4.36 -2.31 -29.12
C PRO A 368 3.56 -3.23 -28.20
N ASP A 369 3.09 -4.32 -28.76
CA ASP A 369 2.28 -5.28 -28.02
C ASP A 369 3.12 -6.21 -27.14
N ALA A 370 4.10 -6.83 -27.75
CA ALA A 370 4.94 -7.80 -27.03
C ALA A 370 5.80 -7.25 -25.83
N PHE A 371 6.52 -6.17 -26.17
CA PHE A 371 7.53 -5.42 -25.46
C PHE A 371 7.65 -5.49 -23.91
N LYS A 372 6.74 -6.12 -23.21
CA LYS A 372 6.92 -6.33 -21.77
C LYS A 372 6.96 -7.84 -21.63
N GLU A 373 6.18 -8.51 -22.48
CA GLU A 373 6.15 -9.97 -22.49
C GLU A 373 7.53 -10.52 -22.85
N GLY A 374 8.13 -9.98 -23.92
CA GLY A 374 9.44 -10.42 -24.35
C GLY A 374 10.40 -10.27 -23.19
N VAL A 375 10.47 -9.05 -22.65
CA VAL A 375 11.33 -8.75 -21.53
C VAL A 375 11.13 -9.72 -20.38
N ALA A 376 9.87 -9.91 -19.98
CA ALA A 376 9.57 -10.84 -18.89
C ALA A 376 9.94 -12.28 -19.27
N GLU A 377 9.85 -12.58 -20.57
CA GLU A 377 10.18 -13.91 -21.06
C GLU A 377 11.65 -14.16 -20.77
N ILE A 378 12.50 -13.21 -21.15
CA ILE A 378 13.92 -13.34 -20.95
C ILE A 378 14.30 -13.36 -19.47
N VAL A 379 13.69 -12.49 -18.67
CA VAL A 379 14.00 -12.44 -17.24
C VAL A 379 13.80 -13.82 -16.64
N ALA A 380 12.69 -14.46 -17.01
CA ALA A 380 12.43 -15.81 -16.56
C ALA A 380 13.26 -16.61 -17.56
N LYS A 381 13.75 -17.78 -17.19
CA LYS A 381 14.58 -18.58 -18.10
C LYS A 381 16.04 -18.14 -18.04
N SER A 382 16.26 -16.87 -17.70
CA SER A 382 17.63 -16.38 -17.56
C SER A 382 18.10 -16.95 -16.23
N VAL A 383 17.14 -17.44 -15.45
CA VAL A 383 17.38 -18.04 -14.15
C VAL A 383 17.95 -19.45 -14.37
N ARG A 384 18.41 -19.70 -15.59
CA ARG A 384 18.99 -20.99 -15.97
C ARG A 384 20.26 -21.26 -15.16
N SER A 385 20.09 -21.29 -13.84
CA SER A 385 21.19 -21.54 -12.89
C SER A 385 20.67 -22.07 -11.55
N VAL A 386 19.95 -23.19 -11.58
CA VAL A 386 19.37 -23.80 -10.37
C VAL A 386 20.46 -24.31 -9.41
N VAL A 387 20.43 -23.79 -8.18
CA VAL A 387 21.40 -24.15 -7.15
C VAL A 387 21.43 -25.64 -6.79
N LEU A 388 20.60 -26.43 -7.44
CA LEU A 388 20.55 -27.86 -7.16
C LEU A 388 21.41 -28.67 -8.14
N LEU B 3 -21.45 -26.51 13.24
CA LEU B 3 -21.94 -26.60 11.83
C LEU B 3 -20.80 -26.63 10.82
N LYS B 4 -20.46 -27.84 10.34
CA LYS B 4 -19.40 -27.98 9.35
C LYS B 4 -19.83 -27.27 8.07
N ASN B 5 -21.03 -26.71 8.10
CA ASN B 5 -21.61 -25.99 6.96
C ASN B 5 -20.63 -24.95 6.44
N GLN B 6 -19.58 -24.69 7.22
CA GLN B 6 -18.59 -23.71 6.81
C GLN B 6 -17.77 -24.31 5.65
N LEU B 7 -18.51 -24.67 4.63
CA LEU B 7 -17.89 -25.14 3.39
C LEU B 7 -17.41 -23.95 2.54
N GLY B 8 -17.98 -22.79 2.96
CA GLY B 8 -17.61 -21.58 2.26
C GLY B 8 -16.10 -21.45 2.36
N GLN B 9 -15.59 -21.65 3.58
CA GLN B 9 -14.16 -21.57 3.85
C GLN B 9 -13.36 -22.31 2.81
N LEU B 10 -13.96 -23.35 2.23
CA LEU B 10 -13.30 -24.12 1.19
C LEU B 10 -13.98 -23.74 -0.11
N ALA B 11 -15.30 -23.75 -0.09
CA ALA B 11 -16.13 -23.42 -1.24
C ALA B 11 -15.86 -22.01 -1.70
N LEU B 12 -14.64 -21.56 -1.43
CA LEU B 12 -14.20 -20.25 -1.83
C LEU B 12 -12.98 -20.41 -2.73
N GLU B 13 -11.82 -20.52 -2.09
CA GLU B 13 -10.55 -20.62 -2.80
C GLU B 13 -10.64 -20.07 -4.21
N GLN B 14 -11.13 -18.84 -4.21
CA GLN B 14 -11.26 -18.01 -5.38
C GLN B 14 -9.88 -17.36 -5.27
N ALA B 15 -9.39 -17.36 -4.04
CA ALA B 15 -8.09 -16.82 -3.71
C ALA B 15 -7.02 -17.41 -4.62
N LYS B 16 -7.17 -18.69 -4.93
CA LYS B 16 -6.22 -19.41 -5.78
C LYS B 16 -6.51 -19.10 -7.24
N THR B 17 -7.79 -19.01 -7.55
CA THR B 17 -8.22 -18.73 -8.92
C THR B 17 -7.85 -17.30 -9.27
N PHE B 18 -8.16 -16.39 -8.36
CA PHE B 18 -7.90 -14.98 -8.55
C PHE B 18 -6.57 -14.49 -7.96
N GLY B 19 -5.92 -15.34 -7.18
CA GLY B 19 -4.67 -14.91 -6.56
C GLY B 19 -4.97 -13.61 -5.83
N GLY B 20 -5.57 -13.72 -4.66
CA GLY B 20 -5.91 -12.51 -3.91
C GLY B 20 -7.26 -12.03 -4.40
N LYS B 21 -7.89 -11.12 -3.65
CA LYS B 21 -9.21 -10.63 -4.02
C LYS B 21 -9.23 -9.23 -4.62
N LEU B 22 -8.10 -8.54 -4.55
CA LEU B 22 -8.01 -7.16 -5.06
C LEU B 22 -7.05 -6.97 -6.22
N GLU B 23 -7.20 -5.85 -6.90
CA GLU B 23 -6.34 -5.49 -8.01
C GLU B 23 -6.39 -3.96 -8.17
N VAL B 24 -5.33 -3.39 -8.73
CA VAL B 24 -5.22 -1.95 -8.95
C VAL B 24 -5.58 -1.59 -10.39
N GLN B 25 -6.48 -0.62 -10.57
CA GLN B 25 -6.91 -0.22 -11.90
C GLN B 25 -6.82 1.29 -12.07
N PRO B 26 -6.34 1.74 -13.23
CA PRO B 26 -6.22 3.18 -13.47
C PRO B 26 -7.58 3.81 -13.78
N LYS B 27 -7.78 5.04 -13.31
CA LYS B 27 -9.03 5.77 -13.52
C LYS B 27 -8.89 6.71 -14.72
N VAL B 28 -7.74 6.66 -15.38
CA VAL B 28 -7.48 7.52 -16.53
C VAL B 28 -6.84 6.80 -17.72
N ASP B 29 -6.69 7.49 -18.85
CA ASP B 29 -6.25 6.99 -20.10
C ASP B 29 -4.76 6.68 -20.09
N ILE B 30 -4.44 5.58 -20.83
CA ILE B 30 -3.07 5.22 -21.07
C ILE B 30 -2.92 4.99 -22.55
N LYS B 31 -2.77 3.72 -22.94
CA LYS B 31 -2.72 3.21 -24.31
C LYS B 31 -2.21 4.05 -25.49
N THR B 32 -1.91 5.33 -25.36
CA THR B 32 -1.27 6.05 -26.48
C THR B 32 -0.21 6.95 -25.86
N LYS B 33 0.88 7.16 -26.59
CA LYS B 33 1.98 8.00 -26.10
C LYS B 33 1.48 9.31 -25.54
N HIS B 34 0.50 9.90 -26.22
CA HIS B 34 -0.04 11.16 -25.77
C HIS B 34 -0.73 11.00 -24.42
N ASP B 35 -1.45 9.91 -24.23
CA ASP B 35 -2.12 9.68 -22.96
C ASP B 35 -1.08 9.59 -21.83
N LEU B 36 0.03 8.92 -22.14
CA LEU B 36 1.13 8.71 -21.21
C LEU B 36 1.82 10.02 -20.91
N SER B 37 1.79 10.90 -21.89
CA SER B 37 2.40 12.22 -21.83
C SER B 37 1.74 13.07 -20.73
N ILE B 38 0.45 12.81 -20.49
CA ILE B 38 -0.30 13.55 -19.48
C ILE B 38 -0.31 12.88 -18.10
N ALA B 39 -0.53 11.57 -18.08
CA ALA B 39 -0.57 10.83 -16.83
C ALA B 39 0.83 10.65 -16.25
N TYR B 40 1.84 10.86 -17.08
CA TYR B 40 3.21 10.74 -16.62
C TYR B 40 4.02 11.93 -17.12
N THR B 41 5.32 11.72 -17.28
CA THR B 41 6.23 12.76 -17.76
C THR B 41 5.86 13.26 -19.15
N PRO B 42 5.93 14.58 -19.36
CA PRO B 42 6.32 15.64 -18.42
C PRO B 42 5.12 16.40 -17.87
N GLY B 43 3.92 15.92 -18.16
CA GLY B 43 2.72 16.58 -17.70
C GLY B 43 2.49 16.43 -16.21
N VAL B 44 2.77 15.23 -15.69
CA VAL B 44 2.58 14.98 -14.28
C VAL B 44 3.47 15.92 -13.44
N ALA B 45 4.52 16.48 -14.05
CA ALA B 45 5.40 17.38 -13.33
C ALA B 45 4.66 18.64 -12.83
N SER B 46 3.62 19.05 -13.53
CA SER B 46 2.84 20.22 -13.10
C SER B 46 1.98 19.88 -11.88
N VAL B 47 1.58 18.61 -11.78
CA VAL B 47 0.76 18.16 -10.67
C VAL B 47 1.60 18.10 -9.40
N SER B 48 2.80 17.54 -9.52
CA SER B 48 3.70 17.45 -8.38
C SER B 48 4.03 18.84 -7.84
N SER B 49 4.44 19.72 -8.76
CA SER B 49 4.80 21.08 -8.42
C SER B 49 3.67 21.85 -7.76
N ALA B 50 2.48 21.72 -8.32
CA ALA B 50 1.33 22.41 -7.77
C ALA B 50 1.14 21.97 -6.32
N ILE B 51 1.20 20.67 -6.09
CA ILE B 51 1.02 20.12 -4.75
C ILE B 51 2.17 20.55 -3.85
N ALA B 52 3.36 20.70 -4.43
CA ALA B 52 4.54 21.11 -3.66
C ALA B 52 4.34 22.51 -3.07
N LYS B 53 3.59 23.35 -3.78
CA LYS B 53 3.33 24.71 -3.35
C LYS B 53 2.09 24.83 -2.46
N ASP B 54 1.20 23.85 -2.52
CA ASP B 54 -0.02 23.87 -1.71
C ASP B 54 -0.37 22.44 -1.28
N LYS B 55 0.03 22.07 -0.07
CA LYS B 55 -0.23 20.73 0.41
C LYS B 55 -1.68 20.30 0.50
N THR B 56 -2.59 21.22 0.82
CA THR B 56 -4.01 20.85 0.92
C THR B 56 -4.54 20.37 -0.42
N LEU B 57 -3.68 20.36 -1.44
CA LEU B 57 -4.07 19.90 -2.78
C LEU B 57 -3.89 18.39 -2.85
N ALA B 58 -3.13 17.85 -1.91
CA ALA B 58 -2.89 16.41 -1.88
C ALA B 58 -4.23 15.72 -1.75
N TYR B 59 -5.18 16.39 -1.10
CA TYR B 59 -6.51 15.85 -0.91
C TYR B 59 -7.33 15.99 -2.18
N ASP B 60 -6.83 16.79 -3.10
CA ASP B 60 -7.53 17.04 -4.37
C ASP B 60 -6.99 16.32 -5.60
N LEU B 61 -5.67 16.26 -5.76
CA LEU B 61 -5.07 15.67 -6.97
C LEU B 61 -4.44 14.28 -6.89
N THR B 62 -4.49 13.66 -5.72
CA THR B 62 -3.89 12.33 -5.58
C THR B 62 -4.92 11.40 -4.99
N THR B 63 -4.69 10.09 -5.10
CA THR B 63 -5.64 9.11 -4.59
C THR B 63 -5.84 9.21 -3.08
N LYS B 64 -5.05 10.05 -2.42
CA LYS B 64 -5.18 10.25 -0.99
C LYS B 64 -6.61 10.72 -0.69
N LYS B 65 -7.21 11.36 -1.69
CA LYS B 65 -8.57 11.85 -1.57
C LYS B 65 -9.56 10.72 -1.32
N ASN B 66 -9.20 9.49 -1.64
CA ASN B 66 -10.15 8.40 -1.44
C ASN B 66 -9.59 7.04 -0.99
N THR B 67 -8.29 6.95 -0.75
CA THR B 67 -7.72 5.67 -0.34
C THR B 67 -7.36 5.54 1.14
N VAL B 68 -7.99 4.58 1.80
CA VAL B 68 -7.72 4.30 3.19
C VAL B 68 -6.99 2.96 3.26
N ALA B 69 -6.05 2.83 4.20
CA ALA B 69 -5.30 1.60 4.34
C ALA B 69 -5.78 0.75 5.50
N VAL B 70 -5.92 -0.55 5.25
CA VAL B 70 -6.36 -1.47 6.28
C VAL B 70 -5.09 -2.12 6.79
N ILE B 71 -4.61 -1.63 7.94
CA ILE B 71 -3.36 -2.10 8.54
C ILE B 71 -3.46 -3.02 9.78
N SER B 72 -2.70 -4.11 9.74
CA SER B 72 -2.66 -5.07 10.83
C SER B 72 -1.27 -5.69 10.94
N ASP B 73 -0.99 -6.28 12.09
CA ASP B 73 0.30 -6.90 12.33
C ASP B 73 0.09 -8.40 12.40
N GLY B 74 -1.09 -8.85 11.99
CA GLY B 74 -1.40 -10.26 12.04
C GLY B 74 -1.03 -10.76 13.41
N THR B 75 -1.80 -10.34 14.40
CA THR B 75 -1.50 -10.70 15.77
C THR B 75 -2.79 -11.06 16.51
N ALA B 76 -3.91 -10.73 15.88
CA ALA B 76 -5.21 -11.01 16.41
C ALA B 76 -6.16 -11.14 15.23
N VAL B 77 -5.76 -11.89 14.24
CA VAL B 77 -6.63 -12.07 13.10
C VAL B 77 -7.96 -12.85 13.45
N LEU B 78 -9.20 -12.40 13.04
CA LEU B 78 -10.46 -13.09 13.30
C LEU B 78 -10.23 -14.56 13.66
N GLY B 79 -10.51 -14.64 14.97
CA GLY B 79 -10.54 -15.76 15.88
C GLY B 79 -9.35 -16.71 15.85
N LEU B 80 -8.23 -16.39 15.21
CA LEU B 80 -7.10 -17.31 15.09
C LEU B 80 -5.85 -16.84 15.84
N GLY B 81 -5.95 -15.69 16.50
CA GLY B 81 -4.81 -15.18 17.27
C GLY B 81 -3.65 -14.54 16.51
N ASP B 82 -2.43 -14.84 16.96
CA ASP B 82 -1.20 -14.30 16.39
C ASP B 82 -0.66 -15.23 15.30
N ILE B 83 -1.12 -15.06 14.06
CA ILE B 83 -0.64 -15.92 12.98
C ILE B 83 0.33 -15.28 11.99
N GLY B 84 0.80 -14.07 12.27
CA GLY B 84 1.74 -13.42 11.37
C GLY B 84 1.07 -12.62 10.26
N PRO B 85 1.79 -11.66 9.66
CA PRO B 85 1.28 -10.81 8.57
C PRO B 85 0.80 -11.50 7.29
N GLU B 86 1.57 -12.44 6.75
CA GLU B 86 1.12 -13.10 5.51
C GLU B 86 -0.26 -13.73 5.65
N ALA B 87 -0.48 -14.45 6.75
CA ALA B 87 -1.76 -15.12 6.96
C ALA B 87 -2.86 -14.13 7.31
N ALA B 88 -2.48 -12.92 7.71
CA ALA B 88 -3.45 -11.89 8.03
C ALA B 88 -3.93 -11.22 6.75
N MET B 89 -3.07 -11.23 5.73
CA MET B 89 -3.35 -10.58 4.44
C MET B 89 -4.70 -10.95 3.81
N PRO B 90 -5.12 -12.22 3.89
CA PRO B 90 -6.42 -12.57 3.31
C PRO B 90 -7.56 -11.78 3.97
N VAL B 91 -7.49 -11.63 5.30
CA VAL B 91 -8.51 -10.91 6.03
C VAL B 91 -8.49 -9.42 5.70
N MET B 92 -7.30 -8.85 5.55
CA MET B 92 -7.23 -7.44 5.20
C MET B 92 -7.69 -7.22 3.75
N GLU B 93 -7.49 -8.19 2.87
CA GLU B 93 -7.92 -8.03 1.51
C GLU B 93 -9.45 -8.00 1.47
N GLY B 94 -10.08 -8.81 2.32
CA GLY B 94 -11.53 -8.86 2.36
C GLY B 94 -12.16 -7.60 2.96
N LYS B 95 -11.51 -7.10 4.00
CA LYS B 95 -11.92 -5.90 4.69
C LYS B 95 -11.82 -4.71 3.72
N ALA B 96 -10.75 -4.68 2.92
CA ALA B 96 -10.53 -3.62 1.94
C ALA B 96 -11.59 -3.67 0.84
N ALA B 97 -11.90 -4.88 0.38
CA ALA B 97 -12.92 -5.06 -0.65
C ALA B 97 -14.25 -4.44 -0.17
N LEU B 98 -14.60 -4.71 1.09
CA LEU B 98 -15.86 -4.20 1.66
C LEU B 98 -15.97 -2.69 1.61
N PHE B 99 -14.84 -1.99 1.81
CA PHE B 99 -14.85 -0.53 1.77
C PHE B 99 -15.32 -0.06 0.39
N LYS B 100 -14.80 -0.71 -0.64
CA LYS B 100 -15.13 -0.35 -2.01
C LYS B 100 -16.55 -0.78 -2.34
N ALA B 101 -16.94 -1.95 -1.85
CA ALA B 101 -18.26 -2.48 -2.16
C ALA B 101 -19.42 -1.70 -1.54
N PHE B 102 -19.30 -1.35 -0.26
CA PHE B 102 -20.40 -0.65 0.36
C PHE B 102 -20.36 0.86 0.23
N ALA B 103 -19.19 1.43 0.50
CA ALA B 103 -18.96 2.86 0.39
C ALA B 103 -18.09 3.02 -0.84
N GLY B 104 -17.78 4.24 -1.22
CA GLY B 104 -16.96 4.38 -2.40
C GLY B 104 -15.48 4.21 -2.13
N VAL B 105 -15.12 4.25 -0.85
CA VAL B 105 -13.75 4.15 -0.37
C VAL B 105 -12.81 3.11 -0.98
N ASP B 106 -11.69 3.59 -1.53
CA ASP B 106 -10.67 2.72 -2.10
C ASP B 106 -9.83 2.32 -0.90
N ALA B 107 -9.53 1.03 -0.75
CA ALA B 107 -8.74 0.59 0.39
C ALA B 107 -7.58 -0.30 -0.01
N ILE B 108 -6.45 -0.14 0.68
CA ILE B 108 -5.30 -0.98 0.38
C ILE B 108 -4.90 -1.78 1.61
N PRO B 109 -4.82 -3.12 1.47
CA PRO B 109 -4.43 -3.98 2.58
C PRO B 109 -2.91 -3.89 2.78
N ILE B 110 -2.47 -3.77 4.02
CA ILE B 110 -1.05 -3.69 4.33
C ILE B 110 -0.71 -4.43 5.61
N VAL B 111 0.12 -5.46 5.52
CA VAL B 111 0.49 -6.18 6.73
C VAL B 111 1.92 -5.80 7.15
N LEU B 112 2.23 -5.94 8.44
CA LEU B 112 3.56 -5.59 8.96
C LEU B 112 4.34 -6.68 9.69
N ASP B 113 5.64 -6.75 9.42
CA ASP B 113 6.50 -7.74 10.05
C ASP B 113 7.16 -7.20 11.32
N THR B 114 6.38 -6.77 12.30
CA THR B 114 6.90 -6.29 13.59
C THR B 114 5.75 -6.23 14.57
N LYS B 115 6.08 -6.19 15.85
CA LYS B 115 5.06 -6.13 16.88
C LYS B 115 5.36 -5.05 17.90
N ASP B 116 6.58 -4.51 17.83
CA ASP B 116 7.03 -3.46 18.74
C ASP B 116 6.13 -2.24 18.56
N THR B 117 5.35 -1.92 19.58
CA THR B 117 4.42 -0.79 19.50
C THR B 117 5.00 0.44 18.83
N GLU B 118 6.09 0.98 19.37
CA GLU B 118 6.73 2.17 18.81
C GLU B 118 7.06 2.06 17.31
N GLU B 119 7.36 0.85 16.89
CA GLU B 119 7.68 0.58 15.48
C GLU B 119 6.41 0.75 14.64
N ILE B 120 5.32 0.18 15.11
CA ILE B 120 4.06 0.24 14.41
C ILE B 120 3.57 1.69 14.27
N ILE B 121 3.47 2.40 15.40
CA ILE B 121 3.01 3.79 15.36
C ILE B 121 3.83 4.61 14.38
N SER B 122 5.14 4.42 14.39
CA SER B 122 5.98 5.19 13.48
C SER B 122 5.90 4.73 12.04
N ILE B 123 5.39 3.52 11.81
CA ILE B 123 5.25 3.04 10.44
C ILE B 123 4.05 3.77 9.86
N VAL B 124 2.95 3.77 10.59
CA VAL B 124 1.75 4.44 10.12
C VAL B 124 2.05 5.93 9.88
N LYS B 125 2.79 6.57 10.79
CA LYS B 125 3.13 7.98 10.62
C LYS B 125 3.89 8.18 9.31
N ALA B 126 4.79 7.25 8.97
CA ALA B 126 5.56 7.35 7.75
C ALA B 126 4.70 7.24 6.45
N LEU B 127 3.61 6.42 6.45
CA LEU B 127 2.77 6.20 5.25
C LEU B 127 1.48 7.04 5.17
N ALA B 128 1.06 7.70 6.25
CA ALA B 128 -0.18 8.47 6.19
C ALA B 128 -0.35 9.42 5.01
N PRO B 129 0.78 9.91 4.62
CA PRO B 129 0.87 10.92 3.59
C PRO B 129 0.12 10.51 2.38
N THR B 130 0.28 9.21 2.15
CA THR B 130 -0.24 8.41 1.09
C THR B 130 -1.74 8.14 1.21
N PHE B 131 -2.31 8.12 2.42
CA PHE B 131 -3.72 7.80 2.52
C PHE B 131 -4.45 8.95 3.20
N GLY B 132 -5.79 8.86 3.19
CA GLY B 132 -6.63 9.86 3.80
C GLY B 132 -7.24 9.31 5.09
N GLY B 133 -7.01 8.03 5.35
CA GLY B 133 -7.56 7.38 6.53
C GLY B 133 -6.87 6.06 6.81
N ILE B 134 -6.80 5.68 8.08
CA ILE B 134 -6.16 4.45 8.48
C ILE B 134 -7.09 3.61 9.34
N ASN B 135 -7.31 2.35 8.93
CA ASN B 135 -8.17 1.44 9.67
C ASN B 135 -7.36 0.29 10.25
N LEU B 136 -7.03 0.38 11.54
CA LEU B 136 -6.29 -0.68 12.23
C LEU B 136 -7.23 -1.86 12.35
N GLU B 137 -6.71 -3.05 12.14
CA GLU B 137 -7.55 -4.23 12.20
C GLU B 137 -6.75 -5.44 12.66
N ASP B 138 -7.39 -6.26 13.47
CA ASP B 138 -6.78 -7.49 13.97
C ASP B 138 -5.40 -7.40 14.61
N ILE B 139 -5.23 -6.42 15.48
CA ILE B 139 -4.01 -6.26 16.22
C ILE B 139 -4.55 -6.46 17.63
N SER B 140 -3.87 -7.25 18.46
CA SER B 140 -4.37 -7.55 19.79
C SER B 140 -4.07 -6.58 20.93
N ALA B 141 -4.86 -6.72 21.98
CA ALA B 141 -4.72 -5.91 23.19
C ALA B 141 -3.67 -6.60 24.09
N PRO B 142 -3.07 -5.85 25.01
CA PRO B 142 -3.32 -4.44 25.27
C PRO B 142 -2.54 -3.47 24.38
N ARG B 143 -1.80 -3.99 23.40
CA ARG B 143 -1.03 -3.09 22.53
C ARG B 143 -1.90 -2.25 21.60
N CYS B 144 -2.93 -2.86 21.01
CA CYS B 144 -3.79 -2.10 20.11
C CYS B 144 -4.27 -0.83 20.80
N PHE B 145 -4.50 -0.91 22.11
CA PHE B 145 -4.94 0.23 22.89
C PHE B 145 -3.99 1.42 22.74
N GLU B 146 -2.71 1.21 23.04
CA GLU B 146 -1.70 2.25 22.94
C GLU B 146 -1.47 2.65 21.49
N ILE B 147 -1.67 1.70 20.59
CA ILE B 147 -1.48 1.91 19.16
C ILE B 147 -2.47 2.90 18.60
N GLU B 148 -3.75 2.62 18.79
CA GLU B 148 -4.80 3.50 18.29
C GLU B 148 -4.81 4.85 18.99
N GLN B 149 -4.82 4.84 20.33
CA GLN B 149 -4.87 6.08 21.10
C GLN B 149 -3.73 7.04 20.74
N ARG B 150 -2.53 6.52 20.55
CA ARG B 150 -1.42 7.40 20.17
C ARG B 150 -1.63 7.93 18.76
N LEU B 151 -2.06 7.06 17.84
CA LEU B 151 -2.29 7.48 16.45
C LEU B 151 -3.36 8.56 16.34
N ILE B 152 -4.47 8.36 17.03
CA ILE B 152 -5.56 9.33 17.00
C ILE B 152 -5.04 10.74 17.29
N LYS B 153 -4.15 10.85 18.26
CA LYS B 153 -3.61 12.15 18.63
C LYS B 153 -2.14 12.32 18.26
N GLU B 154 -1.83 12.09 16.99
CA GLU B 154 -0.45 12.20 16.47
C GLU B 154 -0.46 12.04 14.96
N CYS B 155 -1.66 11.94 14.39
CA CYS B 155 -1.82 11.77 12.95
C CYS B 155 -2.72 12.84 12.37
N HIS B 156 -2.38 13.31 11.17
CA HIS B 156 -3.18 14.33 10.54
C HIS B 156 -4.38 13.75 9.82
N ILE B 157 -4.37 12.44 9.63
CA ILE B 157 -5.48 11.76 9.01
C ILE B 157 -6.05 10.85 10.08
N PRO B 158 -7.37 10.67 10.08
CA PRO B 158 -8.10 9.84 11.04
C PRO B 158 -7.64 8.39 11.06
N VAL B 159 -7.35 7.89 12.27
CA VAL B 159 -6.92 6.51 12.53
C VAL B 159 -8.02 5.86 13.35
N PHE B 160 -8.43 4.67 12.95
CA PHE B 160 -9.53 3.99 13.62
C PHE B 160 -9.24 2.50 13.74
N HIS B 161 -9.71 1.89 14.82
CA HIS B 161 -9.53 0.45 15.03
C HIS B 161 -10.91 -0.19 15.02
N ASP B 162 -11.42 -0.46 13.84
CA ASP B 162 -12.75 -1.03 13.66
C ASP B 162 -13.12 -2.19 14.61
N ASP B 163 -12.15 -3.00 15.00
CA ASP B 163 -12.47 -4.12 15.89
C ASP B 163 -13.05 -3.73 17.25
N GLN B 164 -12.51 -2.69 17.90
CA GLN B 164 -13.02 -2.30 19.20
C GLN B 164 -14.20 -1.33 19.24
N HIS B 165 -14.46 -0.62 18.15
CA HIS B 165 -15.55 0.36 18.11
C HIS B 165 -16.64 0.06 17.09
N GLY B 166 -16.26 -0.52 15.96
CA GLY B 166 -17.24 -0.82 14.93
C GLY B 166 -18.51 -1.47 15.45
N THR B 167 -18.38 -2.71 15.89
CA THR B 167 -19.51 -3.46 16.43
C THR B 167 -20.18 -2.64 17.53
N ALA B 168 -19.40 -1.87 18.27
CA ALA B 168 -19.97 -1.07 19.33
C ALA B 168 -20.97 -0.07 18.74
N ILE B 169 -20.55 0.59 17.67
CA ILE B 169 -21.39 1.58 17.01
C ILE B 169 -22.77 1.04 16.57
N VAL B 170 -22.79 -0.14 15.95
CA VAL B 170 -24.06 -0.71 15.48
C VAL B 170 -25.01 -1.09 16.62
N VAL B 171 -24.47 -1.61 17.73
CA VAL B 171 -25.33 -1.97 18.83
C VAL B 171 -26.01 -0.70 19.28
N LEU B 172 -25.25 0.39 19.32
CA LEU B 172 -25.81 1.68 19.71
C LEU B 172 -26.93 2.03 18.74
N ALA B 173 -26.68 1.85 17.44
CA ALA B 173 -27.69 2.14 16.44
C ALA B 173 -28.94 1.37 16.82
N ALA B 174 -28.76 0.10 17.19
CA ALA B 174 -29.87 -0.75 17.57
C ALA B 174 -30.65 -0.27 18.80
N ILE B 175 -29.97 0.19 19.85
CA ILE B 175 -30.71 0.61 21.03
C ILE B 175 -31.38 1.99 20.90
N PHE B 176 -30.88 2.84 19.98
CA PHE B 176 -31.50 4.15 19.76
C PHE B 176 -32.90 3.84 19.25
N ASN B 177 -32.98 2.88 18.34
CA ASN B 177 -34.25 2.50 17.77
C ASN B 177 -35.12 1.70 18.73
N SER B 178 -34.52 0.82 19.51
CA SER B 178 -35.30 0.05 20.47
C SER B 178 -35.88 1.00 21.50
N LEU B 179 -35.16 2.07 21.80
CA LEU B 179 -35.63 3.04 22.76
C LEU B 179 -36.93 3.70 22.31
N LYS B 180 -37.24 3.60 21.02
CA LYS B 180 -38.46 4.17 20.47
C LYS B 180 -39.65 3.25 20.77
N LEU B 181 -39.54 1.97 20.40
CA LEU B 181 -40.63 1.03 20.66
C LEU B 181 -40.90 1.02 22.16
N LEU B 182 -39.86 1.26 22.94
CA LEU B 182 -39.98 1.31 24.40
C LEU B 182 -40.48 2.67 24.86
N LYS B 183 -40.20 3.69 24.06
CA LYS B 183 -40.61 5.05 24.36
C LYS B 183 -39.99 5.59 25.65
N LYS B 184 -38.83 5.06 26.02
CA LYS B 184 -38.15 5.54 27.22
C LYS B 184 -36.87 6.29 26.84
N SER B 185 -36.45 7.19 27.73
CA SER B 185 -35.25 8.00 27.53
C SER B 185 -33.98 7.20 27.84
N LEU B 186 -32.97 7.36 26.98
CA LEU B 186 -31.68 6.68 27.14
C LEU B 186 -31.07 7.17 28.45
N ASP B 187 -31.88 7.86 29.24
CA ASP B 187 -31.46 8.41 30.50
C ASP B 187 -32.14 7.62 31.63
N GLU B 188 -33.31 7.07 31.30
CA GLU B 188 -34.15 6.31 32.24
C GLU B 188 -33.80 4.82 32.26
N VAL B 189 -33.34 4.30 31.12
CA VAL B 189 -33.00 2.89 31.03
C VAL B 189 -31.81 2.50 31.90
N SER B 190 -31.93 1.31 32.46
CA SER B 190 -30.89 0.71 33.28
C SER B 190 -30.15 -0.28 32.36
N ILE B 191 -28.89 0.03 32.05
CA ILE B 191 -28.12 -0.80 31.14
C ILE B 191 -26.99 -1.64 31.77
N VAL B 192 -26.96 -2.92 31.40
CA VAL B 192 -25.97 -3.87 31.87
C VAL B 192 -25.12 -4.33 30.70
N VAL B 193 -23.80 -4.27 30.85
CA VAL B 193 -22.89 -4.68 29.79
C VAL B 193 -21.95 -5.77 30.26
N ASN B 194 -22.12 -6.97 29.70
CA ASN B 194 -21.28 -8.10 30.08
C ASN B 194 -20.03 -8.21 29.23
N GLY B 195 -18.88 -7.97 29.86
CA GLY B 195 -17.62 -8.02 29.15
C GLY B 195 -16.83 -6.76 29.42
N GLY B 196 -15.75 -6.88 30.18
CA GLY B 196 -14.94 -5.73 30.51
C GLY B 196 -13.77 -5.54 29.59
N GLY B 197 -13.91 -6.08 28.37
CA GLY B 197 -12.84 -5.98 27.38
C GLY B 197 -12.92 -4.80 26.42
N SER B 198 -12.05 -4.82 25.42
CA SER B 198 -11.98 -3.77 24.42
C SER B 198 -13.38 -3.34 23.95
N ALA B 199 -14.09 -4.27 23.29
CA ALA B 199 -15.43 -3.98 22.78
C ALA B 199 -16.38 -3.57 23.91
N GLY B 200 -16.32 -4.31 25.01
CA GLY B 200 -17.17 -4.00 26.15
C GLY B 200 -17.12 -2.51 26.46
N LEU B 201 -15.92 -2.01 26.74
CA LEU B 201 -15.71 -0.60 27.06
C LEU B 201 -16.20 0.37 26.00
N SER B 202 -15.83 0.11 24.76
CA SER B 202 -16.25 0.97 23.67
C SER B 202 -17.77 1.13 23.68
N ILE B 203 -18.47 0.08 24.09
CA ILE B 203 -19.93 0.14 24.16
C ILE B 203 -20.35 1.13 25.24
N THR B 204 -19.83 0.94 26.45
CA THR B 204 -20.17 1.79 27.56
C THR B 204 -19.81 3.24 27.25
N ARG B 205 -18.54 3.46 26.91
CA ARG B 205 -18.05 4.79 26.59
C ARG B 205 -18.96 5.54 25.59
N LYS B 206 -19.54 4.82 24.64
CA LYS B 206 -20.44 5.44 23.67
C LYS B 206 -21.80 5.71 24.29
N LEU B 207 -22.29 4.79 25.09
CA LEU B 207 -23.59 4.98 25.73
C LEU B 207 -23.55 6.19 26.67
N LEU B 208 -22.45 6.31 27.41
CA LEU B 208 -22.26 7.41 28.35
C LEU B 208 -22.04 8.77 27.68
N ALA B 209 -21.87 8.76 26.36
CA ALA B 209 -21.68 10.00 25.61
C ALA B 209 -22.96 10.22 24.81
N ALA B 210 -23.71 9.16 24.59
CA ALA B 210 -24.97 9.24 23.87
C ALA B 210 -26.09 9.64 24.82
N GLY B 211 -25.75 9.75 26.10
CA GLY B 211 -26.76 10.14 27.08
C GLY B 211 -27.29 9.02 27.97
N ALA B 212 -26.40 8.15 28.44
CA ALA B 212 -26.77 7.05 29.32
C ALA B 212 -26.30 7.43 30.71
N THR B 213 -27.18 7.27 31.70
CA THR B 213 -26.87 7.61 33.08
C THR B 213 -26.70 6.38 33.96
N LYS B 214 -27.25 5.25 33.48
CA LYS B 214 -27.20 4.02 34.26
C LYS B 214 -26.66 2.82 33.49
N VAL B 215 -25.34 2.68 33.51
CA VAL B 215 -24.68 1.58 32.85
C VAL B 215 -23.78 0.94 33.88
N THR B 216 -23.85 -0.38 33.95
CA THR B 216 -23.01 -1.14 34.89
C THR B 216 -22.34 -2.27 34.09
N VAL B 217 -21.02 -2.37 34.24
CA VAL B 217 -20.23 -3.38 33.53
C VAL B 217 -19.87 -4.56 34.43
N VAL B 218 -19.93 -5.75 33.85
CA VAL B 218 -19.62 -6.98 34.58
C VAL B 218 -18.51 -7.70 33.81
N ASP B 219 -17.62 -8.37 34.54
CA ASP B 219 -16.53 -9.10 33.90
C ASP B 219 -16.28 -10.42 34.60
N LYS B 220 -15.19 -11.06 34.21
CA LYS B 220 -14.81 -12.36 34.75
C LYS B 220 -15.12 -12.59 36.24
N PHE B 221 -15.10 -11.54 37.06
CA PHE B 221 -15.36 -11.71 38.49
C PHE B 221 -16.65 -11.12 39.02
N GLY B 222 -17.38 -10.41 38.17
CA GLY B 222 -18.63 -9.82 38.61
C GLY B 222 -18.68 -8.33 38.32
N ILE B 223 -19.71 -7.68 38.86
CA ILE B 223 -19.91 -6.25 38.67
C ILE B 223 -18.67 -5.45 38.98
N ILE B 224 -18.35 -4.50 38.11
CA ILE B 224 -17.20 -3.67 38.34
C ILE B 224 -17.68 -2.64 39.34
N ASN B 225 -17.07 -2.62 40.52
CA ASN B 225 -17.46 -1.69 41.56
C ASN B 225 -16.34 -0.71 41.85
N GLU B 226 -16.61 0.57 41.57
CA GLU B 226 -15.64 1.63 41.77
C GLU B 226 -14.97 1.60 43.13
N GLN B 227 -15.70 1.16 44.16
CA GLN B 227 -15.13 1.12 45.49
C GLN B 227 -14.42 -0.21 45.76
N GLU B 228 -14.38 -1.07 44.75
CA GLU B 228 -13.70 -2.37 44.88
C GLU B 228 -12.51 -2.48 43.91
N ALA B 229 -12.72 -2.04 42.68
CA ALA B 229 -11.70 -2.08 41.64
C ALA B 229 -10.38 -1.42 42.03
N ALA B 230 -9.31 -1.91 41.40
CA ALA B 230 -7.95 -1.41 41.60
C ALA B 230 -7.22 -1.67 40.29
N GLN B 231 -6.47 -0.68 39.81
CA GLN B 231 -5.76 -0.83 38.55
C GLN B 231 -4.26 -0.59 38.66
N LEU B 232 -3.56 -0.85 37.56
CA LEU B 232 -2.11 -0.69 37.49
C LEU B 232 -1.74 0.59 36.73
N ALA B 233 -2.30 1.70 37.17
CA ALA B 233 -2.08 3.04 36.58
C ALA B 233 -3.08 4.01 37.23
N PRO B 234 -4.33 3.64 37.36
CA PRO B 234 -5.32 4.53 37.94
C PRO B 234 -5.08 5.96 37.45
N ASP B 238 -11.53 8.77 34.19
CA ASP B 238 -11.04 8.15 32.97
C ASP B 238 -11.34 6.64 32.95
N ILE B 239 -11.04 5.97 34.06
CA ILE B 239 -11.29 4.52 34.15
C ILE B 239 -12.78 4.22 34.22
N ALA B 240 -13.17 3.09 33.64
CA ALA B 240 -14.56 2.65 33.59
C ALA B 240 -15.24 2.65 34.96
N LYS B 241 -14.49 2.24 35.98
CA LYS B 241 -14.97 2.16 37.34
C LYS B 241 -15.69 3.41 37.84
N VAL B 242 -15.06 4.57 37.66
CA VAL B 242 -15.62 5.84 38.14
C VAL B 242 -16.78 6.41 37.30
N THR B 243 -17.15 5.75 36.22
CA THR B 243 -18.26 6.25 35.40
C THR B 243 -19.43 5.29 35.30
N ASN B 244 -19.32 4.16 36.02
CA ASN B 244 -20.37 3.15 36.03
C ASN B 244 -20.69 2.71 37.45
N ARG B 245 -21.67 1.82 37.56
CA ARG B 245 -22.11 1.25 38.83
C ARG B 245 -22.15 2.29 39.94
N GLU B 246 -22.71 3.46 39.65
CA GLU B 246 -22.78 4.53 40.64
C GLU B 246 -23.53 4.17 41.94
N PHE B 247 -24.36 3.12 41.87
CA PHE B 247 -25.08 2.64 43.04
C PHE B 247 -24.03 2.01 43.97
N LYS B 248 -22.84 1.76 43.43
CA LYS B 248 -21.75 1.12 44.18
C LYS B 248 -22.19 -0.27 44.57
N SER B 249 -23.15 -0.81 43.82
CA SER B 249 -23.68 -2.14 44.10
C SER B 249 -22.83 -3.20 43.41
N GLY B 250 -22.01 -3.89 44.18
CA GLY B 250 -21.16 -4.91 43.60
C GLY B 250 -21.62 -6.30 43.97
N THR B 251 -21.84 -7.14 42.96
CA THR B 251 -22.30 -8.50 43.20
C THR B 251 -22.02 -9.40 41.98
N LEU B 252 -22.96 -10.30 41.66
CA LEU B 252 -22.78 -11.21 40.53
C LEU B 252 -23.30 -10.64 39.21
N GLU B 253 -23.01 -11.32 38.12
CA GLU B 253 -23.50 -10.85 36.83
C GLU B 253 -24.99 -11.16 36.77
N ASP B 254 -25.43 -12.03 37.67
CA ASP B 254 -26.83 -12.42 37.74
C ASP B 254 -27.54 -11.45 38.68
N ALA B 255 -27.02 -11.32 39.89
CA ALA B 255 -27.58 -10.42 40.89
C ALA B 255 -27.26 -9.00 40.47
N LEU B 256 -27.68 -8.64 39.25
CA LEU B 256 -27.44 -7.32 38.70
C LEU B 256 -28.36 -7.03 37.49
N GLU B 257 -28.89 -8.07 36.87
CA GLU B 257 -29.79 -7.85 35.76
C GLU B 257 -31.17 -7.63 36.35
N GLY B 258 -31.17 -7.38 37.66
CA GLY B 258 -32.42 -7.15 38.39
C GLY B 258 -33.17 -5.97 37.82
N ALA B 259 -34.27 -6.25 37.14
CA ALA B 259 -35.10 -5.21 36.54
C ALA B 259 -34.31 -4.28 35.61
N ASP B 260 -33.27 -4.82 34.99
CA ASP B 260 -32.46 -4.05 34.04
C ASP B 260 -33.22 -4.06 32.73
N ILE B 261 -33.24 -2.93 32.03
CA ILE B 261 -33.97 -2.91 30.77
C ILE B 261 -33.11 -3.28 29.56
N PHE B 262 -31.78 -3.14 29.70
CA PHE B 262 -30.87 -3.43 28.60
C PHE B 262 -29.64 -4.28 28.92
N ILE B 263 -29.36 -5.24 28.06
CA ILE B 263 -28.15 -6.05 28.20
C ILE B 263 -27.45 -6.21 26.86
N GLY B 264 -26.15 -5.94 26.89
CA GLY B 264 -25.31 -6.08 25.72
C GLY B 264 -24.27 -7.06 26.19
N VAL B 265 -24.10 -8.17 25.48
CA VAL B 265 -23.10 -9.15 25.88
C VAL B 265 -22.09 -9.24 24.73
N SER B 266 -20.82 -9.36 25.07
CA SER B 266 -19.75 -9.40 24.08
C SER B 266 -19.10 -10.72 23.68
N ALA B 267 -18.55 -11.49 24.63
CA ALA B 267 -17.90 -12.74 24.23
C ALA B 267 -18.01 -14.00 25.10
N PRO B 268 -19.18 -14.28 25.66
CA PRO B 268 -19.26 -15.51 26.48
C PRO B 268 -20.12 -16.65 25.87
N GLY B 269 -21.37 -16.76 26.32
CA GLY B 269 -22.27 -17.81 25.85
C GLY B 269 -23.22 -18.24 26.97
N VAL B 270 -23.11 -17.52 28.09
CA VAL B 270 -23.88 -17.71 29.32
C VAL B 270 -25.36 -17.28 29.26
N LEU B 271 -25.69 -16.17 29.92
CA LEU B 271 -27.05 -15.59 29.98
C LEU B 271 -28.18 -16.61 29.94
N LYS B 272 -28.62 -17.01 31.14
CA LYS B 272 -29.68 -18.02 31.28
C LYS B 272 -31.13 -17.51 31.14
N ALA B 273 -31.94 -18.32 30.48
CA ALA B 273 -33.35 -18.02 30.22
C ALA B 273 -34.16 -17.66 31.47
N GLU B 274 -33.76 -18.18 32.63
CA GLU B 274 -34.47 -17.90 33.89
C GLU B 274 -34.28 -16.45 34.32
N TRP B 275 -33.18 -15.83 33.88
CA TRP B 275 -32.90 -14.46 34.28
C TRP B 275 -33.78 -13.37 33.67
N ILE B 276 -34.27 -13.58 32.45
CA ILE B 276 -35.10 -12.58 31.77
C ILE B 276 -36.15 -11.93 32.67
N SER B 277 -37.09 -12.74 33.15
CA SER B 277 -38.16 -12.24 34.01
C SER B 277 -37.64 -11.45 35.20
N LYS B 278 -36.43 -11.73 35.66
CA LYS B 278 -35.85 -11.00 36.77
C LYS B 278 -35.42 -9.60 36.32
N MET B 279 -35.36 -9.40 35.00
CA MET B 279 -34.99 -8.09 34.43
C MET B 279 -36.25 -7.18 34.44
N ALA B 280 -36.19 -6.07 33.72
CA ALA B 280 -37.34 -5.18 33.67
C ALA B 280 -38.46 -5.79 32.83
N ALA B 281 -39.63 -5.16 32.87
CA ALA B 281 -40.81 -5.61 32.14
C ALA B 281 -40.61 -5.87 30.64
N ARG B 282 -39.93 -4.95 29.96
CA ARG B 282 -39.69 -5.10 28.51
C ARG B 282 -38.19 -5.04 28.22
N PRO B 283 -37.46 -6.13 28.52
CA PRO B 283 -36.02 -6.21 28.30
C PRO B 283 -35.60 -6.41 26.86
N VAL B 284 -34.40 -5.94 26.52
CA VAL B 284 -33.86 -6.12 25.17
C VAL B 284 -32.53 -6.86 25.32
N ILE B 285 -32.33 -7.88 24.50
CA ILE B 285 -31.12 -8.67 24.56
C ILE B 285 -30.28 -8.60 23.29
N PHE B 286 -29.08 -8.06 23.39
CA PHE B 286 -28.20 -8.04 22.24
C PHE B 286 -27.12 -9.06 22.60
N ALA B 287 -27.20 -10.25 22.04
CA ALA B 287 -26.22 -11.31 22.30
C ALA B 287 -25.20 -11.31 21.15
N MET B 288 -24.08 -10.60 21.35
CA MET B 288 -23.06 -10.45 20.31
C MET B 288 -21.95 -11.48 20.11
N ALA B 289 -21.81 -12.44 21.02
CA ALA B 289 -20.78 -13.45 20.88
C ALA B 289 -21.07 -14.37 19.71
N ASN B 290 -20.02 -14.93 19.14
CA ASN B 290 -20.18 -15.86 18.04
C ASN B 290 -18.93 -16.71 17.89
N PRO B 291 -19.06 -17.87 17.24
CA PRO B 291 -20.32 -18.34 16.68
C PRO B 291 -21.49 -18.54 17.67
N ILE B 292 -21.18 -18.83 18.95
CA ILE B 292 -22.21 -19.13 19.94
C ILE B 292 -22.59 -17.85 20.71
N PRO B 293 -23.83 -17.36 20.50
CA PRO B 293 -24.28 -16.17 21.24
C PRO B 293 -24.43 -16.45 22.73
N GLU B 294 -24.65 -15.40 23.51
CA GLU B 294 -24.82 -15.57 24.95
C GLU B 294 -26.11 -16.34 25.17
N ILE B 295 -27.04 -16.17 24.23
CA ILE B 295 -28.33 -16.85 24.26
C ILE B 295 -29.01 -16.75 22.91
N TYR B 296 -29.53 -17.86 22.42
CA TYR B 296 -30.21 -17.86 21.14
C TYR B 296 -31.51 -17.04 21.17
N PRO B 297 -31.83 -16.34 20.07
CA PRO B 297 -33.04 -15.51 20.00
C PRO B 297 -34.25 -16.33 20.43
N ASP B 298 -34.31 -17.58 19.95
CA ASP B 298 -35.37 -18.50 20.26
C ASP B 298 -35.79 -18.40 21.70
N GLU B 299 -34.96 -18.96 22.59
CA GLU B 299 -35.23 -18.95 24.03
C GLU B 299 -35.52 -17.58 24.59
N ALA B 300 -34.75 -16.59 24.16
CA ALA B 300 -34.92 -15.22 24.65
C ALA B 300 -36.37 -14.75 24.52
N LEU B 301 -36.94 -14.90 23.32
CA LEU B 301 -38.31 -14.51 23.09
C LEU B 301 -39.27 -15.38 23.93
N GLU B 302 -39.01 -16.68 23.98
CA GLU B 302 -39.84 -17.57 24.79
C GLU B 302 -39.85 -17.01 26.20
N ALA B 303 -38.66 -16.97 26.80
CA ALA B 303 -38.45 -16.47 28.16
C ALA B 303 -39.06 -15.11 28.49
N GLY B 304 -39.66 -14.46 27.51
CA GLY B 304 -40.26 -13.16 27.77
C GLY B 304 -39.35 -11.95 27.64
N ALA B 305 -38.76 -11.79 26.47
CA ALA B 305 -37.87 -10.67 26.18
C ALA B 305 -38.50 -9.85 25.05
N TYR B 306 -38.64 -8.55 25.28
CA TYR B 306 -39.25 -7.65 24.31
C TYR B 306 -38.58 -7.63 22.93
N ILE B 307 -37.26 -7.41 22.91
CA ILE B 307 -36.52 -7.37 21.64
C ILE B 307 -35.19 -8.13 21.75
N VAL B 308 -34.79 -8.77 20.66
CA VAL B 308 -33.55 -9.53 20.62
C VAL B 308 -32.81 -9.36 19.30
N GLY B 309 -31.49 -9.20 19.40
CA GLY B 309 -30.66 -9.05 18.22
C GLY B 309 -29.31 -9.70 18.50
N THR B 310 -28.67 -10.25 17.47
CA THR B 310 -27.39 -10.90 17.66
C THR B 310 -26.42 -10.53 16.56
N GLY B 311 -25.38 -11.35 16.41
CA GLY B 311 -24.40 -11.14 15.37
C GLY B 311 -24.62 -12.30 14.42
N ARG B 312 -25.90 -12.61 14.18
CA ARG B 312 -26.23 -13.71 13.30
C ARG B 312 -27.17 -13.29 12.18
N SER B 313 -26.79 -13.62 10.95
CA SER B 313 -27.62 -13.31 9.79
C SER B 313 -28.71 -14.37 9.80
N ASP B 314 -28.55 -15.30 10.73
CA ASP B 314 -29.44 -16.42 10.92
C ASP B 314 -30.80 -15.99 11.46
N PHE B 315 -30.82 -15.00 12.34
CA PHE B 315 -32.06 -14.52 12.94
C PHE B 315 -32.34 -13.04 12.66
N PRO B 316 -33.49 -12.53 13.13
CA PRO B 316 -33.80 -11.11 12.89
C PRO B 316 -32.92 -10.18 13.73
N ASN B 317 -32.84 -8.92 13.32
CA ASN B 317 -32.04 -7.93 14.03
C ASN B 317 -30.54 -8.21 14.09
N GLN B 318 -29.96 -8.69 13.00
CA GLN B 318 -28.52 -8.96 13.06
C GLN B 318 -27.74 -7.65 13.10
N ILE B 319 -26.96 -7.50 14.17
CA ILE B 319 -26.13 -6.34 14.42
C ILE B 319 -24.76 -6.60 13.81
N ASN B 320 -24.49 -6.12 12.59
CA ASN B 320 -23.17 -6.36 12.02
C ASN B 320 -22.36 -5.13 11.58
N ASN B 321 -21.04 -5.24 11.74
CA ASN B 321 -20.09 -4.21 11.39
C ASN B 321 -20.30 -3.48 10.10
N VAL B 322 -20.38 -4.23 9.00
CA VAL B 322 -20.58 -3.68 7.66
C VAL B 322 -21.48 -2.45 7.59
N LEU B 323 -22.25 -2.19 8.64
CA LEU B 323 -23.13 -1.03 8.67
C LEU B 323 -22.39 0.22 9.13
N ALA B 324 -21.34 0.05 9.94
CA ALA B 324 -20.62 1.21 10.44
C ALA B 324 -19.37 1.74 9.70
N PHE B 325 -18.25 1.00 9.72
CA PHE B 325 -17.00 1.50 9.11
C PHE B 325 -16.99 2.04 7.69
N PRO B 326 -17.72 1.39 6.77
CA PRO B 326 -17.69 1.92 5.40
C PRO B 326 -18.14 3.37 5.36
N GLY B 327 -19.26 3.63 6.01
CA GLY B 327 -19.77 4.99 6.03
C GLY B 327 -19.03 5.97 6.92
N ILE B 328 -18.47 5.53 8.04
CA ILE B 328 -17.78 6.51 8.86
C ILE B 328 -16.50 7.00 8.18
N PHE B 329 -15.92 6.18 7.32
CA PHE B 329 -14.70 6.57 6.59
C PHE B 329 -15.09 7.34 5.32
N ARG B 330 -16.21 6.97 4.72
CA ARG B 330 -16.69 7.64 3.52
C ARG B 330 -16.91 9.12 3.86
N GLY B 331 -17.41 9.36 5.07
CA GLY B 331 -17.70 10.70 5.53
C GLY B 331 -16.56 11.41 6.20
N ALA B 332 -15.67 10.67 6.85
CA ALA B 332 -14.52 11.30 7.51
C ALA B 332 -13.46 11.63 6.49
N LEU B 333 -13.77 11.34 5.23
CA LEU B 333 -12.89 11.53 4.09
C LEU B 333 -13.56 12.55 3.16
N ASP B 334 -14.86 12.41 2.97
CA ASP B 334 -15.57 13.34 2.12
C ASP B 334 -15.42 14.72 2.76
N ALA B 335 -15.36 14.73 4.10
CA ALA B 335 -15.24 15.97 4.86
C ALA B 335 -13.81 16.26 5.29
N ARG B 336 -12.87 15.41 4.86
CA ARG B 336 -11.47 15.60 5.20
C ARG B 336 -11.35 15.93 6.68
N ALA B 337 -11.30 14.91 7.51
CA ALA B 337 -11.17 15.14 8.95
C ALA B 337 -9.84 14.60 9.40
N LYS B 338 -9.32 15.14 10.49
CA LYS B 338 -8.03 14.70 11.01
C LYS B 338 -8.18 13.65 12.10
N THR B 339 -9.43 13.38 12.49
CA THR B 339 -9.68 12.40 13.55
C THR B 339 -11.10 11.86 13.47
N ILE B 340 -11.30 10.66 14.00
CA ILE B 340 -12.62 10.04 14.05
C ILE B 340 -13.00 10.07 15.54
N THR B 341 -13.88 11.01 15.88
CA THR B 341 -14.33 11.21 17.26
C THR B 341 -15.57 10.42 17.65
N VAL B 342 -15.90 10.46 18.93
CA VAL B 342 -17.06 9.77 19.43
C VAL B 342 -18.32 10.44 18.85
N GLU B 343 -18.30 11.77 18.80
CA GLU B 343 -19.41 12.54 18.24
C GLU B 343 -19.72 11.96 16.87
N MET B 344 -18.67 11.75 16.09
CA MET B 344 -18.80 11.20 14.75
C MET B 344 -19.36 9.78 14.80
N GLN B 345 -18.87 9.00 15.76
CA GLN B 345 -19.33 7.63 15.92
C GLN B 345 -20.81 7.57 16.31
N ILE B 346 -21.19 8.40 17.28
CA ILE B 346 -22.58 8.43 17.69
C ILE B 346 -23.37 8.86 16.45
N ALA B 347 -22.89 9.91 15.78
CA ALA B 347 -23.57 10.40 14.59
C ALA B 347 -23.68 9.27 13.57
N ALA B 348 -22.66 8.42 13.51
CA ALA B 348 -22.70 7.31 12.56
C ALA B 348 -23.91 6.43 12.89
N ALA B 349 -24.00 6.01 14.15
CA ALA B 349 -25.12 5.17 14.60
C ALA B 349 -26.49 5.82 14.38
N LYS B 350 -26.60 7.11 14.69
CA LYS B 350 -27.87 7.82 14.51
C LYS B 350 -28.27 7.72 13.03
N GLY B 351 -27.26 7.84 12.17
CA GLY B 351 -27.54 7.73 10.75
C GLY B 351 -28.13 6.35 10.51
N ILE B 352 -27.37 5.33 10.93
CA ILE B 352 -27.78 3.94 10.76
C ILE B 352 -29.24 3.73 11.14
N ALA B 353 -29.58 4.00 12.40
CA ALA B 353 -30.95 3.83 12.88
C ALA B 353 -32.02 4.44 11.95
N SER B 354 -31.75 5.63 11.43
CA SER B 354 -32.69 6.32 10.55
C SER B 354 -32.95 5.58 9.23
N LEU B 355 -32.14 4.57 8.93
CA LEU B 355 -32.33 3.81 7.71
C LEU B 355 -33.55 2.91 7.85
N VAL B 356 -34.16 2.96 9.03
CA VAL B 356 -35.35 2.20 9.36
C VAL B 356 -36.44 3.21 9.80
N PRO B 357 -37.38 3.52 8.89
CA PRO B 357 -38.47 4.47 9.21
C PRO B 357 -39.44 3.86 10.20
N ASP B 358 -39.56 4.48 11.38
CA ASP B 358 -40.44 4.00 12.44
C ASP B 358 -40.68 2.48 12.38
N ASP B 359 -39.78 1.81 13.09
CA ASP B 359 -39.63 0.36 13.22
C ASP B 359 -40.71 -0.60 13.75
N ALA B 360 -40.20 -1.70 14.30
CA ALA B 360 -40.95 -2.81 14.90
C ALA B 360 -39.86 -3.66 15.58
N LEU B 361 -39.95 -4.99 15.45
CA LEU B 361 -38.92 -5.87 15.99
C LEU B 361 -38.03 -6.17 14.79
N SER B 362 -37.53 -5.07 14.21
CA SER B 362 -36.64 -4.99 13.06
C SER B 362 -35.93 -3.67 13.35
N THR B 363 -35.27 -3.61 14.51
CA THR B 363 -34.56 -2.41 14.97
C THR B 363 -33.43 -1.91 14.07
N THR B 364 -32.94 -2.74 13.16
CA THR B 364 -31.85 -2.31 12.29
C THR B 364 -32.05 -2.57 10.82
N ASN B 365 -31.26 -1.82 10.06
CA ASN B 365 -31.25 -1.85 8.62
C ASN B 365 -30.37 -2.96 8.09
N ILE B 366 -30.55 -3.28 6.81
CA ILE B 366 -29.80 -4.33 6.15
C ILE B 366 -28.62 -3.77 5.34
N ILE B 367 -28.80 -3.68 4.02
CA ILE B 367 -27.79 -3.15 3.10
C ILE B 367 -28.47 -2.74 1.79
N PRO B 368 -29.44 -1.81 1.87
CA PRO B 368 -30.13 -1.35 0.66
C PRO B 368 -29.17 -0.51 -0.17
N ASP B 369 -29.68 0.54 -0.80
CA ASP B 369 -28.83 1.41 -1.60
C ASP B 369 -28.49 2.66 -0.82
N ALA B 370 -27.26 3.10 -0.95
CA ALA B 370 -26.78 4.30 -0.28
C ALA B 370 -26.83 4.26 1.25
N PHE B 371 -26.74 3.05 1.83
CA PHE B 371 -26.73 2.93 3.29
C PHE B 371 -25.48 3.65 3.80
N LYS B 372 -24.36 3.38 3.15
CA LYS B 372 -23.08 3.98 3.50
C LYS B 372 -23.10 5.50 3.33
N GLU B 373 -24.00 5.99 2.49
CA GLU B 373 -24.12 7.42 2.25
C GLU B 373 -24.95 8.09 3.35
N GLY B 374 -26.10 7.49 3.68
CA GLY B 374 -26.94 8.04 4.72
C GLY B 374 -26.13 8.25 5.99
N VAL B 375 -25.16 7.36 6.20
CA VAL B 375 -24.26 7.38 7.36
C VAL B 375 -23.11 8.37 7.17
N ALA B 376 -22.59 8.44 5.95
CA ALA B 376 -21.52 9.36 5.62
C ALA B 376 -22.06 10.79 5.79
N GLU B 377 -23.27 10.98 5.31
CA GLU B 377 -23.96 12.27 5.36
C GLU B 377 -24.16 12.72 6.82
N ILE B 378 -24.33 11.75 7.72
CA ILE B 378 -24.54 12.06 9.13
C ILE B 378 -23.22 12.33 9.84
N VAL B 379 -22.17 11.58 9.48
CA VAL B 379 -20.88 11.79 10.11
C VAL B 379 -20.26 13.10 9.63
N ALA B 380 -20.27 13.30 8.31
CA ALA B 380 -19.77 14.55 7.74
C ALA B 380 -20.88 15.52 8.13
N LYS B 381 -20.62 16.82 8.09
CA LYS B 381 -21.63 17.79 8.47
C LYS B 381 -21.89 17.72 9.97
N SER B 382 -21.15 16.86 10.66
CA SER B 382 -21.27 16.73 12.10
C SER B 382 -19.91 17.06 12.69
N VAL B 383 -18.98 17.38 11.79
CA VAL B 383 -17.62 17.75 12.15
C VAL B 383 -17.46 19.18 11.65
N ARG B 384 -18.42 19.61 10.83
CA ARG B 384 -18.42 20.95 10.25
C ARG B 384 -18.45 22.05 11.30
N SER B 385 -18.87 21.71 12.52
CA SER B 385 -18.94 22.68 13.62
C SER B 385 -17.66 23.50 13.81
MG MG C . 12.09 8.32 -11.31
MG MG D . -11.20 -8.09 12.88
#